data_5KK7
#
_entry.id   5KK7
#
_cell.length_a   53.887
_cell.length_b   56.302
_cell.length_c   89.555
_cell.angle_alpha   105.68
_cell.angle_beta   94.15
_cell.angle_gamma   114.25
#
_symmetry.space_group_name_H-M   'P 1'
#
loop_
_entity.id
_entity.type
_entity.pdbx_description
1 polymer 'Endoplasmic reticulum mannosyl-oligosaccharide 1,2-alpha-mannosidase'
2 branched 'alpha-D-mannopyranose-(1-2)-methyl 2-thio-alpha-D-mannopyranoside'
3 non-polymer 'CALCIUM ION'
4 non-polymer 'SULFATE ION'
5 non-polymer 3-PYRIDINIUM-1-YLPROPANE-1-SULFONATE
6 non-polymer 1,4-BUTANEDIOL
7 non-polymer 'ACETATE ION'
8 water water
#
_entity_poly.entity_id   1
_entity_poly.type   'polypeptide(L)'
_entity_poly.pdbx_seq_one_letter_code
;HLNYRQKGVIDVFLHAWKGYRKFAWGHDELKPVSRSFSEWFGLGLTLIDALDTMWILGLRKEFEEARKWVSKKLHFEKDV
DVNLFESTIRILGGLLSAYHLSGDSLFLRKAEDFGNRLMPAFRTPSKIPYSDVNIGTGVAHPPRWTSDSTVAEVTSIQLE
FRELSRLTGDKKFQEAVEKVTQHIHGLSGKKDGLVPMFINTHSGLFTHLGVFTLGARADSYYEYLLKQWIQGGKQETQLL
EDYVEAIEGVRTHLLRHSEPSKLTFVGELAHGRFSAKMDHLVCFLPGTLALGVYHGLPASHMELAQELMETCYQMNRQME
TGLSPEIVHFNLYPQPGRRDVEVKPADRHNLLRPETVESLFYLYRVTGDRKYQDWGWEILQSFSRFTRVPSGGYSSINNV
QDPQKPEPRDKMESFFLGETLKYLFLLFSDDPNLLSLDAYVFNAEAHPLPIWTPA
;
_entity_poly.pdbx_strand_id   A,B
#
# COMPACT_ATOMS: atom_id res chain seq x y z
N HIS A 1 17.70 17.24 31.88
CA HIS A 1 18.00 17.82 30.57
C HIS A 1 18.16 16.72 29.54
N LEU A 2 17.59 16.92 28.35
CA LEU A 2 17.76 15.95 27.27
C LEU A 2 19.10 16.19 26.60
N ASN A 3 19.77 15.11 26.20
CA ASN A 3 21.02 15.26 25.50
C ASN A 3 20.82 15.12 23.99
N TYR A 4 21.92 15.31 23.27
CA TYR A 4 21.91 15.35 21.82
C TYR A 4 21.26 14.11 21.23
N ARG A 5 21.63 12.93 21.73
CA ARG A 5 21.12 11.72 21.11
C ARG A 5 19.65 11.51 21.45
N GLN A 6 19.23 11.89 22.64
CA GLN A 6 17.80 11.80 22.94
C GLN A 6 16.99 12.74 22.05
N LYS A 7 17.51 13.94 21.81
CA LYS A 7 16.86 14.85 20.87
C LYS A 7 16.76 14.22 19.49
N GLY A 8 17.79 13.50 19.06
CA GLY A 8 17.70 12.78 17.80
C GLY A 8 16.59 11.75 17.80
N VAL A 9 16.44 10.99 18.88
CA VAL A 9 15.33 10.04 18.97
C VAL A 9 13.99 10.75 18.88
N ILE A 10 13.86 11.87 19.59
CA ILE A 10 12.60 12.60 19.56
C ILE A 10 12.28 13.08 18.16
N ASP A 11 13.29 13.55 17.43
CA ASP A 11 13.08 14.00 16.07
C ASP A 11 12.58 12.85 15.20
N VAL A 12 13.17 11.66 15.38
CA VAL A 12 12.71 10.50 14.64
C VAL A 12 11.29 10.15 15.06
N PHE A 13 11.00 10.17 16.35
CA PHE A 13 9.63 9.88 16.80
C PHE A 13 8.63 10.84 16.16
N LEU A 14 8.93 12.13 16.17
CA LEU A 14 7.95 13.11 15.69
C LEU A 14 7.78 13.02 14.17
N HIS A 15 8.83 12.66 13.45
CA HIS A 15 8.67 12.42 12.02
C HIS A 15 7.83 11.18 11.75
N ALA A 16 7.99 10.14 12.57
CA ALA A 16 7.14 8.97 12.43
C ALA A 16 5.69 9.32 12.77
N TRP A 17 5.49 10.05 13.86
CA TRP A 17 4.14 10.33 14.35
C TRP A 17 3.39 11.30 13.44
N LYS A 18 4.08 12.26 12.80
CA LYS A 18 3.37 13.12 11.88
C LYS A 18 2.79 12.31 10.71
N GLY A 19 3.47 11.24 10.29
CA GLY A 19 2.89 10.36 9.29
C GLY A 19 1.66 9.65 9.84
N TYR A 20 1.75 9.17 11.07
CA TYR A 20 0.62 8.44 11.65
C TYR A 20 -0.59 9.35 11.80
N ARG A 21 -0.37 10.58 12.30
CA ARG A 21 -1.46 11.51 12.50
C ARG A 21 -2.12 11.90 11.19
N LYS A 22 -1.32 12.17 10.16
CA LYS A 22 -1.87 12.66 8.90
C LYS A 22 -2.60 11.58 8.14
N PHE A 23 -2.13 10.33 8.20
CA PHE A 23 -2.57 9.33 7.25
C PHE A 23 -3.16 8.09 7.90
N ALA A 24 -3.00 7.91 9.22
CA ALA A 24 -3.43 6.66 9.83
C ALA A 24 -4.05 6.85 11.21
N TRP A 25 -4.59 8.05 11.50
CA TRP A 25 -4.97 8.38 12.86
C TRP A 25 -6.08 7.48 13.34
N GLY A 26 -5.86 6.81 14.48
CA GLY A 26 -6.86 5.92 15.00
C GLY A 26 -6.87 4.56 14.35
N HIS A 27 -5.93 4.30 13.44
CA HIS A 27 -5.87 3.04 12.73
C HIS A 27 -4.68 2.22 13.26
N ASP A 28 -4.64 0.94 12.89
CA ASP A 28 -3.67 0.06 13.55
C ASP A 28 -2.23 0.38 13.12
N GLU A 29 -1.97 0.53 11.82
CA GLU A 29 -0.62 0.79 11.32
C GLU A 29 -0.61 1.79 10.17
N LEU A 30 0.39 2.67 10.21
CA LEU A 30 0.68 3.54 9.08
C LEU A 30 1.33 2.77 7.93
N LYS A 31 0.91 3.09 6.72
CA LYS A 31 1.57 2.64 5.50
C LYS A 31 2.18 3.90 4.93
N PRO A 32 3.43 4.20 5.26
CA PRO A 32 3.92 5.57 5.04
C PRO A 32 4.23 5.89 3.59
N VAL A 33 4.63 4.90 2.78
CA VAL A 33 4.98 5.19 1.40
C VAL A 33 3.73 5.54 0.62
N SER A 34 2.64 4.81 0.85
CA SER A 34 1.38 5.09 0.16
C SER A 34 0.50 6.11 0.88
N ARG A 35 0.93 6.55 2.07
CA ARG A 35 0.21 7.53 2.88
C ARG A 35 -1.19 7.02 3.20
N SER A 36 -1.24 5.79 3.69
N SER A 36 -1.25 5.80 3.70
CA SER A 36 -2.50 5.10 3.98
CA SER A 36 -2.51 5.18 4.07
C SER A 36 -2.31 4.31 5.27
C SER A 36 -2.32 4.33 5.32
N PHE A 37 -3.16 3.31 5.48
CA PHE A 37 -3.14 2.57 6.74
C PHE A 37 -3.65 1.18 6.52
N SER A 38 -3.36 0.31 7.48
CA SER A 38 -3.92 -1.03 7.54
C SER A 38 -4.55 -1.27 8.91
N GLU A 39 -5.46 -2.23 8.94
CA GLU A 39 -6.14 -2.67 10.15
C GLU A 39 -6.01 -4.19 10.28
N TRP A 40 -5.83 -4.67 11.53
CA TRP A 40 -6.09 -6.07 11.81
C TRP A 40 -6.90 -6.22 13.10
N PHE A 41 -6.49 -5.53 14.17
CA PHE A 41 -7.34 -5.39 15.35
C PHE A 41 -8.50 -4.43 15.08
N GLY A 42 -8.20 -3.31 14.42
CA GLY A 42 -9.12 -2.17 14.38
C GLY A 42 -9.24 -1.46 15.71
N LEU A 43 -8.15 -1.41 16.49
CA LEU A 43 -8.14 -0.87 17.84
C LEU A 43 -7.07 0.19 18.02
N GLY A 44 -6.71 0.88 16.96
CA GLY A 44 -5.73 1.95 17.06
C GLY A 44 -4.40 1.46 17.58
N LEU A 45 -3.95 0.29 17.10
CA LEU A 45 -2.80 -0.39 17.67
C LEU A 45 -1.58 0.51 17.84
N THR A 46 -1.15 1.21 16.77
CA THR A 46 0.06 2.02 16.88
C THR A 46 -0.09 3.11 17.93
N LEU A 47 -1.30 3.67 18.04
CA LEU A 47 -1.55 4.70 19.04
C LEU A 47 -1.41 4.14 20.44
N ILE A 48 -2.03 2.98 20.70
CA ILE A 48 -1.96 2.42 22.05
C ILE A 48 -0.53 2.02 22.37
N ASP A 49 0.17 1.45 21.39
CA ASP A 49 1.53 0.96 21.62
C ASP A 49 2.47 2.12 21.92
N ALA A 50 2.15 3.33 21.46
CA ALA A 50 3.02 4.48 21.60
C ALA A 50 2.65 5.41 22.74
N LEU A 51 1.55 5.13 23.46
CA LEU A 51 1.16 5.99 24.58
C LEU A 51 2.31 6.18 25.56
N ASP A 52 2.86 5.07 26.07
CA ASP A 52 3.89 5.24 27.09
C ASP A 52 5.17 5.84 26.49
N THR A 53 5.47 5.55 25.23
CA THR A 53 6.65 6.17 24.62
C THR A 53 6.49 7.69 24.57
N MET A 54 5.30 8.16 24.17
CA MET A 54 5.05 9.60 24.13
C MET A 54 5.22 10.21 25.52
N TRP A 55 4.69 9.54 26.54
CA TRP A 55 4.83 10.05 27.90
C TRP A 55 6.31 10.18 28.29
N ILE A 56 7.06 9.11 28.07
CA ILE A 56 8.46 9.05 28.46
C ILE A 56 9.28 10.09 27.71
N LEU A 57 9.03 10.27 26.42
CA LEU A 57 9.80 11.21 25.64
C LEU A 57 9.36 12.66 25.91
N GLY A 58 8.39 12.88 26.78
CA GLY A 58 7.94 14.23 27.06
C GLY A 58 7.02 14.83 26.03
N LEU A 59 6.40 14.00 25.20
CA LEU A 59 5.54 14.47 24.11
C LEU A 59 4.11 14.59 24.65
N ARG A 60 3.94 15.58 25.50
CA ARG A 60 2.71 15.63 26.29
C ARG A 60 1.51 16.13 25.50
N LYS A 61 1.69 17.06 24.56
CA LYS A 61 0.53 17.46 23.76
C LYS A 61 0.08 16.31 22.88
N GLU A 62 1.03 15.53 22.35
CA GLU A 62 0.65 14.35 21.59
C GLU A 62 -0.04 13.32 22.47
N PHE A 63 0.47 13.11 23.68
CA PHE A 63 -0.16 12.17 24.60
C PHE A 63 -1.59 12.59 24.91
N GLU A 64 -1.79 13.87 25.19
N GLU A 64 -1.80 13.88 25.16
CA GLU A 64 -3.13 14.41 25.45
CA GLU A 64 -3.15 14.36 25.46
C GLU A 64 -4.06 14.11 24.27
C GLU A 64 -4.08 14.13 24.26
N GLU A 65 -3.61 14.35 23.05
CA GLU A 65 -4.44 14.10 21.88
C GLU A 65 -4.79 12.62 21.78
N ALA A 66 -3.82 11.75 22.04
CA ALA A 66 -4.10 10.33 21.96
C ALA A 66 -5.02 9.87 23.08
N ARG A 67 -4.91 10.46 24.24
CA ARG A 67 -5.78 10.11 25.36
C ARG A 67 -7.23 10.43 25.03
N LYS A 68 -7.45 11.57 24.36
CA LYS A 68 -8.79 11.91 23.93
C LYS A 68 -9.34 10.88 22.96
N TRP A 69 -8.52 10.39 22.03
CA TRP A 69 -8.98 9.32 21.16
C TRP A 69 -9.33 8.07 21.98
N VAL A 70 -8.47 7.67 22.91
CA VAL A 70 -8.79 6.51 23.73
C VAL A 70 -10.14 6.72 24.42
N SER A 71 -10.36 7.95 24.90
CA SER A 71 -11.56 8.26 25.69
C SER A 71 -12.82 8.16 24.86
N LYS A 72 -12.78 8.62 23.61
CA LYS A 72 -13.97 8.73 22.79
C LYS A 72 -14.10 7.64 21.73
N LYS A 73 -13.00 7.06 21.28
CA LYS A 73 -13.03 6.25 20.09
C LYS A 73 -12.63 4.80 20.28
N LEU A 74 -12.08 4.40 21.41
CA LEU A 74 -11.60 3.03 21.58
C LEU A 74 -12.72 2.18 22.16
N HIS A 75 -13.18 1.20 21.39
CA HIS A 75 -14.32 0.35 21.74
C HIS A 75 -13.99 -1.08 21.34
N PHE A 76 -14.31 -2.03 22.21
CA PHE A 76 -13.88 -3.41 22.07
C PHE A 76 -14.99 -4.37 21.70
N GLU A 77 -16.15 -3.89 21.25
CA GLU A 77 -17.24 -4.82 21.02
C GLU A 77 -17.30 -5.35 19.59
N LYS A 78 -16.38 -4.98 18.71
CA LYS A 78 -16.50 -5.41 17.32
C LYS A 78 -16.35 -6.92 17.21
N ASP A 79 -16.98 -7.46 16.17
CA ASP A 79 -16.85 -8.85 15.76
C ASP A 79 -15.50 -8.96 15.07
N VAL A 80 -14.47 -9.25 15.86
CA VAL A 80 -13.12 -9.39 15.31
C VAL A 80 -12.35 -10.42 16.12
N ASP A 81 -11.68 -11.34 15.41
CA ASP A 81 -10.80 -12.33 16.01
C ASP A 81 -9.45 -11.69 16.31
N VAL A 82 -8.96 -11.85 17.53
CA VAL A 82 -7.64 -11.36 17.88
C VAL A 82 -6.77 -12.49 18.43
N ASN A 83 -5.47 -12.39 18.17
CA ASN A 83 -4.47 -13.26 18.78
C ASN A 83 -4.29 -12.87 20.26
N LEU A 84 -4.45 -13.84 21.16
CA LEU A 84 -4.40 -13.54 22.59
C LEU A 84 -3.05 -12.94 22.98
N PHE A 85 -1.96 -13.53 22.48
CA PHE A 85 -0.62 -13.05 22.83
C PHE A 85 -0.38 -11.64 22.32
N GLU A 86 -0.66 -11.39 21.06
CA GLU A 86 -0.40 -10.06 20.52
C GLU A 86 -1.29 -9.02 21.21
N SER A 87 -2.56 -9.37 21.44
CA SER A 87 -3.48 -8.51 22.19
C SER A 87 -2.93 -8.15 23.54
N THR A 88 -2.45 -9.16 24.25
CA THR A 88 -1.98 -8.97 25.62
C THR A 88 -0.74 -8.11 25.66
N ILE A 89 0.28 -8.42 24.83
CA ILE A 89 1.53 -7.70 25.03
C ILE A 89 1.42 -6.27 24.52
N ARG A 90 0.68 -6.05 23.43
CA ARG A 90 0.58 -4.72 22.84
C ARG A 90 -0.52 -3.88 23.50
N ILE A 91 -1.77 -4.34 23.46
CA ILE A 91 -2.87 -3.48 23.88
C ILE A 91 -3.07 -3.55 25.39
N LEU A 92 -3.20 -4.73 25.97
CA LEU A 92 -3.36 -4.76 27.42
C LEU A 92 -2.12 -4.19 28.11
N GLY A 93 -0.93 -4.60 27.66
CA GLY A 93 0.30 -4.05 28.21
C GLY A 93 0.41 -2.55 28.02
N GLY A 94 0.11 -2.06 26.80
CA GLY A 94 0.26 -0.64 26.54
C GLY A 94 -0.69 0.22 27.36
N LEU A 95 -1.91 -0.29 27.61
CA LEU A 95 -2.86 0.44 28.44
C LEU A 95 -2.43 0.44 29.90
N LEU A 96 -1.90 -0.68 30.39
CA LEU A 96 -1.45 -0.74 31.77
C LEU A 96 -0.30 0.22 32.01
N SER A 97 0.63 0.31 31.06
N SER A 97 0.64 0.28 31.07
CA SER A 97 1.78 1.18 31.27
CA SER A 97 1.78 1.18 31.23
C SER A 97 1.38 2.65 31.09
C SER A 97 1.32 2.62 31.18
N ALA A 98 0.40 2.93 30.24
CA ALA A 98 -0.12 4.28 30.15
C ALA A 98 -0.79 4.68 31.46
N TYR A 99 -1.59 3.78 32.04
CA TYR A 99 -2.17 4.01 33.35
C TYR A 99 -1.09 4.33 34.38
N HIS A 100 -0.05 3.49 34.46
CA HIS A 100 0.89 3.71 35.54
C HIS A 100 1.66 5.02 35.35
N LEU A 101 2.02 5.37 34.13
CA LEU A 101 2.84 6.57 33.94
C LEU A 101 2.01 7.84 34.11
N SER A 102 0.76 7.84 33.62
CA SER A 102 -0.06 9.03 33.61
C SER A 102 -0.93 9.17 34.86
N GLY A 103 -1.16 8.08 35.58
CA GLY A 103 -2.13 8.08 36.65
C GLY A 103 -3.58 8.21 36.23
N ASP A 104 -3.86 8.13 34.93
CA ASP A 104 -5.21 8.36 34.41
C ASP A 104 -6.00 7.06 34.39
N SER A 105 -7.00 6.96 35.27
CA SER A 105 -7.77 5.73 35.39
C SER A 105 -8.48 5.33 34.12
N LEU A 106 -8.60 6.21 33.12
CA LEU A 106 -9.18 5.80 31.84
C LEU A 106 -8.48 4.56 31.30
N PHE A 107 -7.15 4.54 31.37
CA PHE A 107 -6.41 3.47 30.74
C PHE A 107 -6.64 2.16 31.45
N LEU A 108 -6.80 2.19 32.78
CA LEU A 108 -7.09 0.97 33.51
C LEU A 108 -8.49 0.46 33.21
N ARG A 109 -9.47 1.37 33.17
N ARG A 109 -9.48 1.36 33.15
CA ARG A 109 -10.83 1.00 32.78
CA ARG A 109 -10.82 0.95 32.80
C ARG A 109 -10.84 0.28 31.43
C ARG A 109 -10.85 0.28 31.43
N LYS A 110 -10.11 0.83 30.46
CA LYS A 110 -10.06 0.19 29.15
C LYS A 110 -9.34 -1.15 29.23
N ALA A 111 -8.27 -1.21 30.02
CA ALA A 111 -7.55 -2.47 30.19
C ALA A 111 -8.44 -3.55 30.78
N GLU A 112 -9.24 -3.20 31.78
CA GLU A 112 -10.08 -4.20 32.42
C GLU A 112 -11.16 -4.68 31.44
N ASP A 113 -11.76 -3.76 30.69
CA ASP A 113 -12.75 -4.14 29.68
C ASP A 113 -12.14 -5.12 28.69
N PHE A 114 -10.96 -4.78 28.18
CA PHE A 114 -10.29 -5.61 27.19
C PHE A 114 -9.91 -6.96 27.77
N GLY A 115 -9.33 -6.98 28.97
CA GLY A 115 -8.94 -8.25 29.56
C GLY A 115 -10.11 -9.20 29.75
N ASN A 116 -11.27 -8.65 30.12
CA ASN A 116 -12.44 -9.50 30.28
C ASN A 116 -12.82 -10.13 28.97
N ARG A 117 -12.64 -9.42 27.87
CA ARG A 117 -13.00 -9.95 26.55
C ARG A 117 -12.01 -11.01 26.04
N LEU A 118 -10.80 -11.09 26.62
CA LEU A 118 -9.84 -12.10 26.23
C LEU A 118 -10.03 -13.43 26.95
N MET A 119 -10.71 -13.41 28.09
CA MET A 119 -10.79 -14.58 28.96
C MET A 119 -11.39 -15.82 28.31
N PRO A 120 -12.28 -15.76 27.31
CA PRO A 120 -12.79 -17.02 26.74
C PRO A 120 -11.71 -17.88 26.13
N ALA A 121 -10.54 -17.32 25.82
CA ALA A 121 -9.45 -18.10 25.24
C ALA A 121 -9.00 -19.24 26.16
N PHE A 122 -9.20 -19.09 27.45
CA PHE A 122 -8.74 -20.09 28.41
C PHE A 122 -9.72 -21.25 28.58
N ARG A 123 -10.86 -21.20 27.92
CA ARG A 123 -11.89 -22.21 28.09
C ARG A 123 -11.58 -23.41 27.18
N THR A 124 -10.55 -24.15 27.57
CA THR A 124 -10.07 -25.33 26.85
C THR A 124 -10.00 -26.49 27.81
N PRO A 125 -9.98 -27.72 27.29
CA PRO A 125 -9.92 -28.87 28.20
C PRO A 125 -8.75 -28.83 29.14
N SER A 126 -7.59 -28.34 28.69
CA SER A 126 -6.37 -28.30 29.50
C SER A 126 -6.20 -26.99 30.25
N LYS A 127 -6.97 -25.96 29.91
CA LYS A 127 -6.82 -24.58 30.41
C LYS A 127 -5.59 -23.90 29.84
N ILE A 128 -4.87 -24.55 28.92
CA ILE A 128 -3.91 -23.85 28.05
C ILE A 128 -4.76 -23.10 27.03
N PRO A 129 -4.61 -21.78 26.88
CA PRO A 129 -5.54 -21.00 26.06
C PRO A 129 -5.40 -21.24 24.56
N TYR A 130 -6.52 -21.12 23.86
CA TYR A 130 -6.53 -21.07 22.41
C TYR A 130 -5.75 -19.86 21.91
N SER A 131 -5.31 -19.94 20.65
N SER A 131 -5.32 -19.93 20.65
CA SER A 131 -4.51 -18.85 20.08
CA SER A 131 -4.51 -18.86 20.08
C SER A 131 -5.34 -17.59 19.88
C SER A 131 -5.33 -17.60 19.85
N ASP A 132 -6.60 -17.75 19.48
CA ASP A 132 -7.42 -16.63 19.03
C ASP A 132 -8.72 -16.52 19.82
N VAL A 133 -9.17 -15.28 20.01
CA VAL A 133 -10.42 -15.05 20.69
C VAL A 133 -11.12 -13.86 20.03
N ASN A 134 -12.43 -13.97 19.86
CA ASN A 134 -13.21 -12.89 19.26
C ASN A 134 -13.73 -12.01 20.41
N ILE A 135 -13.26 -10.76 20.45
CA ILE A 135 -13.57 -9.91 21.60
C ILE A 135 -15.02 -9.44 21.59
N GLY A 136 -15.71 -9.52 20.45
CA GLY A 136 -17.11 -9.12 20.35
C GLY A 136 -18.10 -10.25 20.54
N THR A 137 -17.77 -11.46 20.09
CA THR A 137 -18.69 -12.58 20.16
C THR A 137 -18.42 -13.52 21.32
N GLY A 138 -17.24 -13.46 21.94
CA GLY A 138 -16.89 -14.38 22.99
C GLY A 138 -16.44 -15.76 22.54
N VAL A 139 -16.35 -16.00 21.23
CA VAL A 139 -15.91 -17.30 20.72
C VAL A 139 -14.40 -17.29 20.63
N ALA A 140 -13.77 -18.37 21.10
CA ALA A 140 -12.32 -18.55 20.97
C ALA A 140 -12.07 -19.85 20.23
N HIS A 141 -10.94 -19.94 19.56
CA HIS A 141 -10.67 -21.13 18.76
C HIS A 141 -9.18 -21.22 18.49
N PRO A 142 -8.69 -22.40 18.13
CA PRO A 142 -7.31 -22.53 17.70
C PRO A 142 -7.18 -22.17 16.23
N PRO A 143 -5.97 -22.23 15.67
CA PRO A 143 -5.81 -22.09 14.22
C PRO A 143 -6.52 -23.22 13.48
N ARG A 144 -6.66 -23.06 12.16
CA ARG A 144 -7.60 -23.89 11.39
C ARG A 144 -7.15 -25.34 11.24
N TRP A 145 -5.87 -25.61 11.36
CA TRP A 145 -5.32 -26.92 11.04
C TRP A 145 -4.86 -27.70 12.26
N THR A 146 -5.06 -27.15 13.45
CA THR A 146 -4.41 -27.70 14.64
C THR A 146 -5.14 -27.21 15.88
N SER A 147 -5.12 -28.04 16.92
CA SER A 147 -5.51 -27.61 18.25
C SER A 147 -4.31 -27.27 19.12
N ASP A 148 -3.12 -27.08 18.52
CA ASP A 148 -1.96 -26.62 19.25
C ASP A 148 -2.00 -25.10 19.40
N SER A 149 -1.49 -24.63 20.54
CA SER A 149 -1.09 -23.25 20.72
C SER A 149 0.44 -23.14 20.67
N THR A 150 0.92 -21.90 20.57
CA THR A 150 2.35 -21.63 20.52
C THR A 150 2.87 -21.41 21.94
N VAL A 151 3.99 -22.06 22.27
CA VAL A 151 4.45 -22.06 23.66
C VAL A 151 4.78 -20.64 24.12
N ALA A 152 5.49 -19.88 23.29
CA ALA A 152 5.80 -18.51 23.69
C ALA A 152 4.52 -17.70 23.90
N GLU A 153 3.48 -17.97 23.11
CA GLU A 153 2.26 -17.18 23.20
C GLU A 153 1.52 -17.43 24.50
N VAL A 154 1.53 -18.66 25.00
CA VAL A 154 0.81 -18.94 26.23
C VAL A 154 1.65 -18.67 27.48
N THR A 155 2.96 -18.46 27.33
CA THR A 155 3.83 -18.20 28.48
C THR A 155 4.33 -16.77 28.52
N SER A 156 3.81 -15.89 27.65
CA SER A 156 4.27 -14.51 27.58
C SER A 156 3.11 -13.54 27.73
N ILE A 157 2.12 -13.92 28.52
CA ILE A 157 0.96 -13.09 28.84
C ILE A 157 0.80 -12.89 30.35
N GLN A 158 1.74 -13.39 31.14
CA GLN A 158 1.53 -13.48 32.58
C GLN A 158 1.72 -12.16 33.28
N LEU A 159 2.74 -11.38 32.89
CA LEU A 159 2.96 -10.11 33.57
C LEU A 159 1.70 -9.26 33.55
N GLU A 160 1.07 -9.22 32.39
CA GLU A 160 -0.02 -8.30 32.14
C GLU A 160 -1.27 -8.73 32.89
N PHE A 161 -1.60 -10.02 32.83
CA PHE A 161 -2.77 -10.52 33.52
C PHE A 161 -2.58 -10.50 35.03
N ARG A 162 -1.37 -10.82 35.50
CA ARG A 162 -1.07 -10.72 36.93
C ARG A 162 -1.27 -9.29 37.43
N GLU A 163 -0.71 -8.33 36.69
CA GLU A 163 -0.85 -6.93 37.11
C GLU A 163 -2.29 -6.49 37.05
N LEU A 164 -3.03 -6.94 36.02
CA LEU A 164 -4.43 -6.52 35.90
C LEU A 164 -5.23 -7.00 37.11
N SER A 165 -4.97 -8.22 37.56
CA SER A 165 -5.62 -8.71 38.76
C SER A 165 -5.24 -7.89 39.98
N ARG A 166 -3.96 -7.56 40.11
CA ARG A 166 -3.51 -6.76 41.24
C ARG A 166 -4.24 -5.43 41.29
N LEU A 167 -4.40 -4.78 40.14
CA LEU A 167 -5.01 -3.46 40.08
C LEU A 167 -6.52 -3.52 40.26
N THR A 168 -7.17 -4.54 39.73
CA THR A 168 -8.63 -4.58 39.76
C THR A 168 -9.22 -5.36 40.93
N GLY A 169 -8.41 -6.20 41.57
CA GLY A 169 -8.92 -7.12 42.57
C GLY A 169 -9.72 -8.27 42.03
N ASP A 170 -9.82 -8.42 40.71
CA ASP A 170 -10.46 -9.56 40.10
C ASP A 170 -9.40 -10.63 39.87
N LYS A 171 -9.47 -11.73 40.62
CA LYS A 171 -8.48 -12.80 40.58
C LYS A 171 -8.49 -13.61 39.30
N LYS A 172 -9.52 -13.48 38.47
CA LYS A 172 -9.65 -14.42 37.37
C LYS A 172 -8.49 -14.30 36.38
N PHE A 173 -7.96 -13.10 36.20
CA PHE A 173 -6.85 -12.91 35.24
C PHE A 173 -5.60 -13.64 35.70
N GLN A 174 -5.15 -13.35 36.93
CA GLN A 174 -4.00 -14.02 37.51
C GLN A 174 -4.19 -15.53 37.55
N GLU A 175 -5.35 -16.00 37.99
CA GLU A 175 -5.51 -17.45 38.15
C GLU A 175 -5.37 -18.16 36.82
N ALA A 176 -5.93 -17.58 35.75
CA ALA A 176 -5.86 -18.20 34.44
C ALA A 176 -4.43 -18.30 33.93
N VAL A 177 -3.65 -17.21 34.02
CA VAL A 177 -2.32 -17.27 33.44
C VAL A 177 -1.36 -18.04 34.35
N GLU A 178 -1.56 -18.01 35.68
CA GLU A 178 -0.65 -18.74 36.54
C GLU A 178 -0.87 -20.25 36.41
N LYS A 179 -2.11 -20.69 36.15
N LYS A 179 -2.10 -20.66 36.09
CA LYS A 179 -2.31 -22.10 35.87
CA LYS A 179 -2.38 -22.07 35.84
C LYS A 179 -1.40 -22.55 34.74
C LYS A 179 -1.58 -22.60 34.67
N VAL A 180 -1.31 -21.75 33.67
CA VAL A 180 -0.50 -22.12 32.52
C VAL A 180 0.96 -22.30 32.95
N THR A 181 1.51 -21.30 33.66
CA THR A 181 2.91 -21.35 34.09
C THR A 181 3.18 -22.58 34.94
N GLN A 182 2.29 -22.84 35.90
CA GLN A 182 2.50 -23.98 36.81
C GLN A 182 2.42 -25.30 36.08
N HIS A 183 1.51 -25.38 35.09
CA HIS A 183 1.39 -26.59 34.30
C HIS A 183 2.65 -26.84 33.49
N ILE A 184 3.19 -25.80 32.86
CA ILE A 184 4.36 -25.99 32.03
C ILE A 184 5.56 -26.30 32.89
N HIS A 185 5.55 -25.82 34.14
CA HIS A 185 6.61 -26.15 35.08
C HIS A 185 6.78 -27.65 35.26
N GLY A 186 5.70 -28.40 35.14
CA GLY A 186 5.72 -29.83 35.36
C GLY A 186 5.74 -30.69 34.12
N LEU A 187 5.86 -30.10 32.93
CA LEU A 187 5.76 -30.89 31.71
C LEU A 187 7.04 -31.66 31.38
N SER A 188 6.85 -32.87 30.86
CA SER A 188 7.93 -33.63 30.25
C SER A 188 8.26 -33.05 28.87
N GLY A 189 9.41 -33.44 28.35
CA GLY A 189 9.81 -33.13 27.00
C GLY A 189 10.70 -31.93 26.84
N LYS A 190 11.13 -31.29 27.94
CA LYS A 190 12.16 -30.28 27.85
C LYS A 190 13.53 -30.92 27.62
N LYS A 191 14.43 -30.16 27.03
CA LYS A 191 15.83 -30.57 26.92
C LYS A 191 16.65 -29.63 27.80
N ASP A 192 17.01 -30.09 29.00
CA ASP A 192 17.78 -29.26 29.94
C ASP A 192 17.19 -27.86 30.07
N GLY A 193 15.88 -27.80 30.27
CA GLY A 193 15.17 -26.54 30.45
C GLY A 193 14.68 -25.90 29.17
N LEU A 194 15.06 -26.41 28.00
CA LEU A 194 14.62 -25.87 26.72
C LEU A 194 13.24 -26.43 26.36
N VAL A 195 12.32 -25.56 25.93
CA VAL A 195 10.94 -25.98 25.64
C VAL A 195 10.72 -26.17 24.14
N PRO A 196 9.90 -27.15 23.77
CA PRO A 196 9.37 -27.20 22.40
C PRO A 196 8.53 -25.95 22.09
N MET A 197 8.16 -25.83 20.81
CA MET A 197 7.49 -24.67 20.23
C MET A 197 5.99 -24.67 20.41
N PHE A 198 5.37 -25.83 20.54
CA PHE A 198 3.93 -25.94 20.50
C PHE A 198 3.43 -26.76 21.67
N ILE A 199 2.18 -26.52 22.03
CA ILE A 199 1.54 -27.20 23.14
C ILE A 199 0.06 -27.40 22.79
N ASN A 200 -0.44 -28.63 23.00
CA ASN A 200 -1.80 -28.97 22.58
C ASN A 200 -2.79 -28.53 23.63
N THR A 201 -3.84 -27.83 23.19
CA THR A 201 -4.80 -27.32 24.14
C THR A 201 -5.74 -28.39 24.66
N HIS A 202 -5.86 -29.51 23.99
CA HIS A 202 -6.72 -30.57 24.51
C HIS A 202 -5.99 -31.39 25.57
N SER A 203 -4.78 -31.83 25.28
CA SER A 203 -4.04 -32.71 26.17
C SER A 203 -3.19 -31.96 27.17
N GLY A 204 -2.82 -30.74 26.84
CA GLY A 204 -1.96 -29.97 27.70
C GLY A 204 -0.48 -30.29 27.53
N LEU A 205 -0.11 -31.19 26.63
CA LEU A 205 1.26 -31.66 26.46
C LEU A 205 1.95 -30.96 25.29
N PHE A 206 3.27 -30.80 25.40
CA PHE A 206 4.06 -30.29 24.28
C PHE A 206 3.89 -31.18 23.06
N THR A 207 3.94 -30.56 21.90
CA THR A 207 4.09 -31.27 20.64
C THR A 207 5.34 -30.76 19.95
N HIS A 208 5.63 -31.31 18.77
CA HIS A 208 6.86 -30.99 18.04
C HIS A 208 8.06 -31.24 18.94
N LEU A 209 8.07 -32.43 19.53
CA LEU A 209 9.12 -32.82 20.46
C LEU A 209 10.47 -32.92 19.75
N GLY A 210 11.52 -32.62 20.48
CA GLY A 210 12.86 -32.69 19.95
C GLY A 210 13.32 -31.54 19.10
N VAL A 211 12.53 -30.48 18.98
CA VAL A 211 12.87 -29.31 18.17
C VAL A 211 12.96 -28.10 19.09
N PHE A 212 14.16 -27.49 19.15
CA PHE A 212 14.43 -26.43 20.10
C PHE A 212 15.01 -25.19 19.44
N THR A 213 14.37 -24.07 19.69
CA THR A 213 14.82 -22.78 19.22
C THR A 213 14.64 -21.76 20.31
N LEU A 214 15.50 -20.74 20.29
CA LEU A 214 15.29 -19.58 21.15
C LEU A 214 14.72 -18.42 20.36
N GLY A 215 14.34 -18.64 19.12
CA GLY A 215 13.70 -17.64 18.29
C GLY A 215 12.20 -17.77 18.33
N ALA A 216 11.56 -17.52 17.18
CA ALA A 216 10.10 -17.43 17.16
C ALA A 216 9.45 -18.68 17.72
N ARG A 217 8.42 -18.49 18.55
CA ARG A 217 7.54 -19.48 19.16
C ARG A 217 8.05 -19.98 20.51
N ALA A 218 9.30 -19.68 20.89
CA ALA A 218 9.82 -20.11 22.18
C ALA A 218 10.52 -18.99 22.95
N ASP A 219 11.13 -18.03 22.23
CA ASP A 219 11.95 -17.00 22.85
C ASP A 219 11.38 -16.40 24.14
N SER A 220 10.16 -15.85 24.11
CA SER A 220 9.76 -15.07 25.28
C SER A 220 9.29 -15.92 26.45
N TYR A 221 9.10 -17.23 26.29
CA TYR A 221 8.97 -18.08 27.47
C TYR A 221 10.11 -17.83 28.44
N TYR A 222 11.35 -17.82 27.93
CA TYR A 222 12.51 -17.64 28.78
C TYR A 222 12.54 -16.25 29.38
N GLU A 223 12.29 -15.24 28.54
CA GLU A 223 12.23 -13.85 28.97
C GLU A 223 11.22 -13.67 30.11
N TYR A 224 10.05 -14.30 29.99
CA TYR A 224 9.00 -14.09 30.99
C TYR A 224 9.18 -14.95 32.25
N LEU A 225 9.96 -16.02 32.22
CA LEU A 225 10.32 -16.65 33.50
C LEU A 225 11.07 -15.66 34.37
N LEU A 226 12.12 -15.04 33.82
CA LEU A 226 12.90 -14.08 34.59
C LEU A 226 12.04 -12.88 34.98
N LYS A 227 11.30 -12.32 34.03
CA LYS A 227 10.58 -11.10 34.31
C LYS A 227 9.46 -11.31 35.33
N GLN A 228 8.76 -12.45 35.29
CA GLN A 228 7.78 -12.73 36.32
C GLN A 228 8.44 -12.86 37.68
N TRP A 229 9.62 -13.48 37.73
CA TRP A 229 10.34 -13.61 38.99
C TRP A 229 10.67 -12.23 39.58
N ILE A 230 11.14 -11.31 38.75
CA ILE A 230 11.43 -9.96 39.18
C ILE A 230 10.13 -9.25 39.61
N GLN A 231 9.08 -9.37 38.78
CA GLN A 231 7.82 -8.69 39.06
C GLN A 231 7.29 -9.04 40.45
N GLY A 232 7.32 -10.34 40.80
CA GLY A 232 6.81 -10.90 42.02
C GLY A 232 7.66 -10.66 43.23
N GLY A 233 8.70 -9.83 43.12
CA GLY A 233 9.54 -9.56 44.26
C GLY A 233 10.51 -10.66 44.54
N LYS A 234 10.84 -11.47 43.54
CA LYS A 234 11.85 -12.54 43.66
C LYS A 234 11.49 -13.58 44.71
N GLN A 235 10.20 -13.87 44.87
CA GLN A 235 9.74 -14.85 45.82
C GLN A 235 9.23 -16.15 45.20
N GLU A 236 9.12 -16.22 43.87
CA GLU A 236 8.57 -17.38 43.18
C GLU A 236 9.73 -18.23 42.66
N THR A 237 10.26 -19.10 43.53
N THR A 237 10.24 -19.10 43.55
CA THR A 237 11.54 -19.70 43.23
CA THR A 237 11.50 -19.79 43.31
C THR A 237 11.48 -20.64 42.03
C THR A 237 11.46 -20.63 42.04
N GLN A 238 10.31 -21.20 41.70
CA GLN A 238 10.24 -22.09 40.54
C GLN A 238 10.57 -21.35 39.25
N LEU A 239 10.09 -20.11 39.12
CA LEU A 239 10.39 -19.34 37.93
C LEU A 239 11.90 -19.18 37.75
N LEU A 240 12.59 -18.81 38.82
CA LEU A 240 14.05 -18.65 38.77
C LEU A 240 14.72 -19.96 38.43
N GLU A 241 14.32 -21.04 39.09
CA GLU A 241 14.93 -22.35 38.82
C GLU A 241 14.81 -22.72 37.35
N ASP A 242 13.62 -22.56 36.78
CA ASP A 242 13.40 -22.92 35.38
C ASP A 242 14.20 -22.03 34.44
N TYR A 243 14.39 -20.77 34.82
CA TYR A 243 15.21 -19.86 34.03
C TYR A 243 16.68 -20.25 34.10
N VAL A 244 17.22 -20.42 35.31
CA VAL A 244 18.61 -20.83 35.46
C VAL A 244 18.84 -22.13 34.70
N GLU A 245 17.91 -23.09 34.80
CA GLU A 245 18.07 -24.35 34.10
C GLU A 245 18.13 -24.12 32.60
N ALA A 246 17.22 -23.29 32.09
CA ALA A 246 17.17 -23.04 30.65
C ALA A 246 18.46 -22.41 30.13
N ILE A 247 19.05 -21.47 30.89
CA ILE A 247 20.29 -20.83 30.40
C ILE A 247 21.41 -21.85 30.35
N GLU A 248 21.47 -22.77 31.30
CA GLU A 248 22.48 -23.83 31.19
C GLU A 248 22.19 -24.70 29.97
N GLY A 249 20.91 -24.96 29.69
CA GLY A 249 20.57 -25.69 28.48
C GLY A 249 21.05 -24.99 27.22
N VAL A 250 20.88 -23.67 27.16
CA VAL A 250 21.38 -22.92 26.01
C VAL A 250 22.88 -23.12 25.86
N ARG A 251 23.63 -22.95 26.96
CA ARG A 251 25.07 -23.13 26.94
C ARG A 251 25.44 -24.53 26.47
N THR A 252 24.69 -25.53 26.94
CA THR A 252 25.07 -26.90 26.68
C THR A 252 24.79 -27.30 25.24
N HIS A 253 23.66 -26.87 24.68
CA HIS A 253 23.14 -27.41 23.45
C HIS A 253 23.12 -26.45 22.27
N LEU A 254 22.99 -25.13 22.47
CA LEU A 254 22.72 -24.22 21.36
C LEU A 254 23.84 -23.25 21.01
N LEU A 255 24.85 -23.11 21.86
CA LEU A 255 25.89 -22.11 21.64
C LEU A 255 27.01 -22.66 20.77
N ARG A 256 27.35 -21.92 19.72
N ARG A 256 27.36 -21.92 19.72
CA ARG A 256 28.49 -22.24 18.87
CA ARG A 256 28.50 -22.26 18.90
C ARG A 256 29.23 -20.95 18.57
C ARG A 256 29.21 -20.95 18.57
N HIS A 257 30.29 -21.04 17.79
CA HIS A 257 31.07 -19.87 17.40
C HIS A 257 31.21 -19.78 15.89
N SER A 258 31.12 -18.55 15.38
CA SER A 258 31.10 -18.28 13.95
C SER A 258 32.51 -18.27 13.37
N GLU A 259 32.59 -18.29 12.04
CA GLU A 259 33.82 -18.03 11.32
C GLU A 259 33.54 -16.85 10.39
N PRO A 260 34.50 -15.92 10.25
CA PRO A 260 35.87 -15.97 10.74
C PRO A 260 36.12 -15.34 12.10
N SER A 261 35.15 -14.65 12.67
CA SER A 261 35.40 -13.80 13.84
C SER A 261 35.21 -14.51 15.17
N LYS A 262 34.79 -15.77 15.18
CA LYS A 262 34.59 -16.54 16.40
C LYS A 262 33.52 -15.92 17.31
N LEU A 263 32.49 -15.32 16.73
CA LEU A 263 31.39 -14.75 17.51
C LEU A 263 30.53 -15.87 18.10
N THR A 264 30.12 -15.68 19.35
CA THR A 264 29.21 -16.60 20.00
C THR A 264 27.81 -16.38 19.47
N PHE A 265 27.15 -17.47 19.06
CA PHE A 265 25.79 -17.34 18.56
C PHE A 265 24.98 -18.53 19.06
N VAL A 266 23.65 -18.39 18.97
CA VAL A 266 22.68 -19.35 19.46
C VAL A 266 22.03 -19.96 18.24
N GLY A 267 22.14 -21.26 18.08
CA GLY A 267 21.52 -21.97 16.99
C GLY A 267 20.31 -22.79 17.42
N GLU A 268 19.82 -23.58 16.48
CA GLU A 268 18.61 -24.37 16.65
C GLU A 268 18.97 -25.85 16.62
N LEU A 269 18.17 -26.65 17.31
CA LEU A 269 18.38 -28.07 17.42
C LEU A 269 17.13 -28.83 17.00
N ALA A 270 17.28 -29.79 16.09
CA ALA A 270 16.16 -30.59 15.60
C ALA A 270 16.59 -32.06 15.61
N HIS A 271 15.96 -32.84 16.47
CA HIS A 271 16.28 -34.25 16.61
C HIS A 271 17.79 -34.45 16.65
N GLY A 272 18.45 -33.61 17.43
CA GLY A 272 19.87 -33.72 17.67
C GLY A 272 20.76 -33.13 16.60
N ARG A 273 20.20 -32.60 15.53
CA ARG A 273 20.99 -31.97 14.49
C ARG A 273 21.03 -30.48 14.76
N PHE A 274 22.24 -29.91 14.78
CA PHE A 274 22.40 -28.48 15.01
C PHE A 274 22.26 -27.71 13.71
N SER A 275 21.64 -26.54 13.80
CA SER A 275 21.45 -25.66 12.65
C SER A 275 21.89 -24.26 13.04
N ALA A 276 22.76 -23.66 12.23
CA ALA A 276 23.36 -22.36 12.56
C ALA A 276 22.46 -21.21 12.11
N LYS A 277 21.17 -21.35 12.38
N LYS A 277 21.17 -21.33 12.39
CA LYS A 277 20.16 -20.37 12.02
CA LYS A 277 20.17 -20.35 11.99
C LYS A 277 19.75 -19.60 13.26
C LYS A 277 19.72 -19.60 13.25
N MET A 278 19.70 -18.27 13.17
CA MET A 278 19.37 -17.42 14.31
C MET A 278 18.45 -16.28 13.88
N ASP A 279 17.20 -16.32 14.35
CA ASP A 279 16.26 -15.21 14.17
C ASP A 279 16.82 -13.96 14.84
N HIS A 280 16.56 -12.79 14.23
CA HIS A 280 16.86 -11.56 14.96
C HIS A 280 16.18 -11.55 16.32
N LEU A 281 15.03 -12.22 16.44
CA LEU A 281 14.32 -12.33 17.72
C LEU A 281 15.23 -12.80 18.83
N VAL A 282 16.21 -13.66 18.52
CA VAL A 282 17.06 -14.20 19.57
C VAL A 282 17.91 -13.11 20.21
N CYS A 283 18.04 -11.95 19.56
CA CYS A 283 18.81 -10.89 20.17
C CYS A 283 18.14 -10.29 21.42
N PHE A 284 16.95 -10.75 21.83
CA PHE A 284 16.43 -10.39 23.15
C PHE A 284 17.35 -10.91 24.24
N LEU A 285 18.07 -11.99 23.94
CA LEU A 285 18.70 -12.79 25.00
C LEU A 285 19.80 -12.04 25.73
N PRO A 286 20.74 -11.34 25.06
CA PRO A 286 21.75 -10.61 25.83
C PRO A 286 21.15 -9.66 26.85
N GLY A 287 20.10 -8.94 26.45
CA GLY A 287 19.45 -8.01 27.38
C GLY A 287 18.82 -8.71 28.56
N THR A 288 18.09 -9.80 28.29
CA THR A 288 17.49 -10.59 29.37
C THR A 288 18.56 -11.16 30.30
N LEU A 289 19.67 -11.65 29.74
CA LEU A 289 20.78 -12.14 30.58
C LEU A 289 21.31 -11.03 31.49
N ALA A 290 21.57 -9.86 30.92
CA ALA A 290 22.10 -8.74 31.69
C ALA A 290 21.10 -8.28 32.75
N LEU A 291 19.82 -8.23 32.39
CA LEU A 291 18.78 -7.91 33.35
C LEU A 291 18.85 -8.86 34.54
N GLY A 292 18.98 -10.15 34.25
CA GLY A 292 19.10 -11.12 35.32
C GLY A 292 20.30 -10.84 36.21
N VAL A 293 21.45 -10.55 35.62
CA VAL A 293 22.65 -10.29 36.41
C VAL A 293 22.42 -9.09 37.32
N TYR A 294 21.79 -8.03 36.81
CA TYR A 294 21.46 -6.90 37.67
C TYR A 294 20.71 -7.36 38.91
N HIS A 295 19.84 -8.35 38.76
CA HIS A 295 19.00 -8.84 39.82
C HIS A 295 19.60 -10.04 40.55
N GLY A 296 20.87 -10.34 40.34
CA GLY A 296 21.55 -11.33 41.16
C GLY A 296 21.87 -12.65 40.49
N LEU A 297 21.58 -12.80 39.19
CA LEU A 297 21.97 -14.02 38.49
C LEU A 297 23.49 -14.09 38.38
N PRO A 298 24.03 -15.28 38.10
CA PRO A 298 25.49 -15.47 38.14
C PRO A 298 26.26 -14.68 37.09
N ALA A 299 27.51 -14.36 37.43
CA ALA A 299 28.38 -13.63 36.52
C ALA A 299 28.53 -14.32 35.18
N SER A 300 28.42 -15.65 35.14
CA SER A 300 28.54 -16.35 33.87
C SER A 300 27.52 -15.86 32.88
N HIS A 301 26.36 -15.42 33.38
CA HIS A 301 25.33 -14.89 32.50
C HIS A 301 25.78 -13.58 31.86
N MET A 302 26.57 -12.80 32.58
CA MET A 302 27.04 -11.54 32.01
C MET A 302 28.09 -11.78 30.93
N GLU A 303 28.97 -12.75 31.14
CA GLU A 303 29.93 -13.08 30.09
C GLU A 303 29.19 -13.44 28.80
N LEU A 304 28.14 -14.26 28.92
CA LEU A 304 27.38 -14.64 27.74
C LEU A 304 26.63 -13.46 27.16
N ALA A 305 26.09 -12.59 28.02
CA ALA A 305 25.38 -11.40 27.57
C ALA A 305 26.27 -10.54 26.69
N GLN A 306 27.51 -10.32 27.13
N GLN A 306 27.51 -10.31 27.12
CA GLN A 306 28.42 -9.43 26.40
CA GLN A 306 28.37 -9.41 26.37
C GLN A 306 28.81 -10.04 25.05
C GLN A 306 28.83 -10.03 25.05
N GLU A 307 29.06 -11.35 25.03
CA GLU A 307 29.36 -12.02 23.78
C GLU A 307 28.20 -11.90 22.79
N LEU A 308 26.98 -12.24 23.25
CA LEU A 308 25.83 -12.16 22.37
C LEU A 308 25.50 -10.74 21.97
N MET A 309 25.77 -9.75 22.83
CA MET A 309 25.53 -8.37 22.41
C MET A 309 26.43 -8.01 21.23
N GLU A 310 27.71 -8.42 21.28
CA GLU A 310 28.62 -8.17 20.17
C GLU A 310 28.10 -8.83 18.90
N THR A 311 27.64 -10.07 19.01
CA THR A 311 27.15 -10.79 17.86
C THR A 311 25.93 -10.11 17.26
N CYS A 312 24.99 -9.71 18.10
CA CYS A 312 23.80 -9.01 17.61
C CYS A 312 24.16 -7.69 16.97
N TYR A 313 25.11 -6.96 17.57
CA TYR A 313 25.63 -5.75 16.91
C TYR A 313 26.16 -6.07 15.52
N GLN A 314 27.01 -7.10 15.41
CA GLN A 314 27.54 -7.49 14.12
C GLN A 314 26.44 -7.92 13.13
N MET A 315 25.37 -8.55 13.62
CA MET A 315 24.25 -8.89 12.73
C MET A 315 23.71 -7.65 12.04
N ASN A 316 23.81 -6.50 12.71
CA ASN A 316 23.44 -5.23 12.11
C ASN A 316 24.58 -4.67 11.25
N ARG A 317 25.75 -4.50 11.83
CA ARG A 317 26.75 -3.72 11.12
C ARG A 317 27.39 -4.47 9.96
N GLN A 318 27.31 -5.80 9.92
CA GLN A 318 27.84 -6.52 8.78
C GLN A 318 26.92 -6.44 7.55
N MET A 319 25.73 -5.88 7.68
CA MET A 319 24.87 -5.65 6.52
C MET A 319 25.24 -4.32 5.87
N GLU A 320 24.98 -4.23 4.56
N GLU A 320 24.98 -4.23 4.56
CA GLU A 320 25.38 -3.02 3.85
CA GLU A 320 25.35 -3.03 3.83
C GLU A 320 24.62 -1.80 4.34
C GLU A 320 24.64 -1.80 4.38
N THR A 321 23.39 -1.95 4.82
CA THR A 321 22.63 -0.84 5.39
C THR A 321 22.88 -0.64 6.88
N GLY A 322 23.62 -1.56 7.52
CA GLY A 322 23.78 -1.51 8.96
C GLY A 322 22.59 -1.98 9.77
N LEU A 323 21.61 -2.63 9.15
CA LEU A 323 20.40 -3.10 9.82
C LEU A 323 20.30 -4.61 9.69
N SER A 324 20.05 -5.29 10.80
CA SER A 324 19.98 -6.74 10.79
C SER A 324 18.79 -7.21 9.95
N PRO A 325 18.95 -8.31 9.21
CA PRO A 325 17.81 -8.93 8.53
C PRO A 325 16.98 -9.71 9.55
N GLU A 326 15.85 -10.26 9.08
CA GLU A 326 14.97 -11.06 9.93
C GLU A 326 15.68 -12.30 10.46
N ILE A 327 16.47 -12.96 9.64
CA ILE A 327 17.11 -14.23 9.98
C ILE A 327 18.53 -14.22 9.43
N VAL A 328 19.48 -14.70 10.23
CA VAL A 328 20.85 -14.86 9.78
C VAL A 328 21.24 -16.31 9.89
N HIS A 329 22.27 -16.68 9.13
CA HIS A 329 22.96 -17.93 9.27
C HIS A 329 24.45 -17.67 9.53
N PHE A 330 25.04 -18.48 10.40
CA PHE A 330 26.45 -18.43 10.68
C PHE A 330 27.13 -19.68 10.11
N ASN A 331 28.41 -19.53 9.77
CA ASN A 331 29.24 -20.65 9.33
C ASN A 331 30.05 -21.15 10.50
N LEU A 332 29.97 -22.46 10.77
CA LEU A 332 30.81 -23.06 11.78
C LEU A 332 32.22 -23.31 11.28
N TYR A 333 32.42 -23.31 9.97
CA TYR A 333 33.73 -23.58 9.42
C TYR A 333 34.08 -22.51 8.39
N PRO A 334 35.37 -22.29 8.17
CA PRO A 334 35.80 -21.14 7.37
C PRO A 334 35.32 -21.27 5.93
N GLN A 335 34.86 -20.15 5.39
CA GLN A 335 34.31 -20.07 4.04
C GLN A 335 35.03 -18.93 3.34
N PRO A 336 35.86 -19.18 2.35
CA PRO A 336 36.57 -18.09 1.69
C PRO A 336 35.62 -16.98 1.24
N GLY A 337 35.99 -15.74 1.58
CA GLY A 337 35.29 -14.58 1.09
C GLY A 337 34.01 -14.23 1.82
N ARG A 338 33.64 -14.98 2.85
CA ARG A 338 32.36 -14.79 3.52
C ARG A 338 32.51 -14.06 4.84
N ARG A 339 31.53 -13.20 5.13
CA ARG A 339 31.45 -12.57 6.43
C ARG A 339 30.92 -13.58 7.45
N ASP A 340 30.88 -13.16 8.72
CA ASP A 340 30.28 -14.01 9.75
C ASP A 340 28.79 -14.20 9.49
N VAL A 341 28.11 -13.10 9.20
CA VAL A 341 26.65 -13.03 9.16
C VAL A 341 26.23 -13.25 7.70
N GLU A 342 25.74 -14.45 7.39
CA GLU A 342 25.15 -14.73 6.08
C GLU A 342 23.64 -14.54 6.15
N VAL A 343 23.04 -14.20 4.99
N VAL A 343 23.04 -14.21 5.00
CA VAL A 343 21.61 -13.93 4.90
CA VAL A 343 21.61 -13.98 4.93
C VAL A 343 21.07 -14.56 3.63
C VAL A 343 21.08 -14.59 3.63
N LYS A 344 20.08 -15.45 3.76
CA LYS A 344 19.41 -16.00 2.60
C LYS A 344 18.63 -14.88 1.91
N PRO A 345 18.55 -14.91 0.56
CA PRO A 345 17.77 -13.87 -0.13
C PRO A 345 16.38 -13.64 0.42
N ALA A 346 15.67 -14.70 0.81
CA ALA A 346 14.31 -14.53 1.31
C ALA A 346 14.26 -13.82 2.66
N ASP A 347 15.36 -13.81 3.40
CA ASP A 347 15.39 -13.36 4.78
C ASP A 347 15.88 -11.93 4.93
N ARG A 348 16.11 -11.21 3.84
CA ARG A 348 16.78 -9.92 3.87
C ARG A 348 15.92 -8.75 4.37
N HIS A 349 14.68 -8.99 4.79
CA HIS A 349 13.82 -7.89 5.24
C HIS A 349 14.28 -7.37 6.60
N ASN A 350 14.02 -6.08 6.85
CA ASN A 350 14.10 -5.51 8.18
C ASN A 350 12.77 -4.81 8.49
N LEU A 351 12.15 -5.19 9.61
CA LEU A 351 10.83 -4.69 9.96
C LEU A 351 10.90 -3.67 11.08
N LEU A 352 12.05 -3.02 11.26
CA LEU A 352 12.27 -2.02 12.30
C LEU A 352 12.20 -2.65 13.70
N ARG A 353 12.60 -3.91 13.80
CA ARG A 353 12.48 -4.65 15.04
C ARG A 353 13.43 -4.13 16.13
N PRO A 354 13.04 -4.30 17.41
CA PRO A 354 13.74 -3.65 18.52
C PRO A 354 14.80 -4.47 19.23
N GLU A 355 14.95 -5.75 18.95
CA GLU A 355 15.63 -6.63 19.91
C GLU A 355 17.10 -6.25 20.15
N THR A 356 17.81 -5.77 19.12
CA THR A 356 19.17 -5.34 19.37
C THR A 356 19.20 -4.12 20.28
N VAL A 357 18.38 -3.11 20.00
CA VAL A 357 18.47 -1.90 20.80
C VAL A 357 17.89 -2.13 22.18
N GLU A 358 16.92 -3.04 22.30
CA GLU A 358 16.45 -3.52 23.59
C GLU A 358 17.61 -4.02 24.45
N SER A 359 18.41 -4.92 23.87
CA SER A 359 19.51 -5.50 24.63
C SER A 359 20.64 -4.50 24.85
N LEU A 360 20.86 -3.57 23.92
CA LEU A 360 21.83 -2.51 24.17
C LEU A 360 21.44 -1.69 25.39
N PHE A 361 20.14 -1.38 25.53
CA PHE A 361 19.64 -0.66 26.70
C PHE A 361 20.00 -1.38 28.01
N TYR A 362 19.70 -2.67 28.10
CA TYR A 362 20.03 -3.40 29.32
C TYR A 362 21.54 -3.48 29.54
N LEU A 363 22.30 -3.82 28.50
CA LEU A 363 23.76 -3.90 28.65
C LEU A 363 24.36 -2.57 29.12
N TYR A 364 23.86 -1.44 28.61
CA TYR A 364 24.37 -0.16 29.10
C TYR A 364 23.94 0.09 30.55
N ARG A 365 22.66 -0.16 30.85
CA ARG A 365 22.18 0.07 32.21
C ARG A 365 23.01 -0.69 33.22
N VAL A 366 23.37 -1.93 32.91
CA VAL A 366 24.04 -2.79 33.88
C VAL A 366 25.55 -2.58 33.87
N THR A 367 26.16 -2.33 32.70
CA THR A 367 27.62 -2.23 32.65
C THR A 367 28.14 -0.81 32.68
N GLY A 368 27.35 0.16 32.25
CA GLY A 368 27.83 1.52 32.08
C GLY A 368 28.78 1.74 30.92
N ASP A 369 28.97 0.76 30.06
CA ASP A 369 29.93 0.85 28.97
C ASP A 369 29.31 1.65 27.82
N ARG A 370 29.85 2.85 27.58
CA ARG A 370 29.24 3.73 26.61
C ARG A 370 29.34 3.22 25.18
N LYS A 371 30.16 2.22 24.90
CA LYS A 371 30.15 1.70 23.54
C LYS A 371 28.75 1.21 23.16
N TYR A 372 27.98 0.71 24.11
CA TYR A 372 26.64 0.23 23.77
C TYR A 372 25.74 1.38 23.34
N GLN A 373 25.95 2.58 23.89
CA GLN A 373 25.22 3.74 23.38
C GLN A 373 25.66 4.06 21.97
N ASP A 374 26.97 4.04 21.70
CA ASP A 374 27.48 4.31 20.36
C ASP A 374 26.87 3.35 19.35
N TRP A 375 26.80 2.07 19.70
CA TRP A 375 26.26 1.07 18.79
C TRP A 375 24.80 1.36 18.48
N GLY A 376 24.03 1.76 19.49
CA GLY A 376 22.64 2.07 19.26
C GLY A 376 22.45 3.29 18.39
N TRP A 377 23.31 4.30 18.56
CA TRP A 377 23.26 5.49 17.72
C TRP A 377 23.56 5.15 16.27
N GLU A 378 24.54 4.28 16.05
CA GLU A 378 24.86 3.79 14.72
C GLU A 378 23.63 3.15 14.07
N ILE A 379 22.95 2.26 14.79
CA ILE A 379 21.76 1.63 14.25
C ILE A 379 20.68 2.67 13.97
N LEU A 380 20.49 3.63 14.87
CA LEU A 380 19.48 4.65 14.63
C LEU A 380 19.80 5.45 13.38
N GLN A 381 21.06 5.82 13.20
CA GLN A 381 21.42 6.53 11.97
C GLN A 381 21.12 5.69 10.75
N SER A 382 21.30 4.38 10.83
CA SER A 382 20.93 3.51 9.71
C SER A 382 19.43 3.52 9.44
N PHE A 383 18.61 3.43 10.50
CA PHE A 383 17.16 3.59 10.33
C PHE A 383 16.84 4.90 9.61
N SER A 384 17.47 5.99 10.02
CA SER A 384 17.16 7.28 9.42
C SER A 384 17.58 7.33 7.95
N ARG A 385 18.73 6.75 7.63
CA ARG A 385 19.27 6.83 6.28
C ARG A 385 18.49 5.98 5.29
N PHE A 386 18.00 4.82 5.72
CA PHE A 386 17.48 3.84 4.77
C PHE A 386 15.99 3.51 4.89
N THR A 387 15.28 3.97 5.93
CA THR A 387 13.89 3.63 6.10
C THR A 387 12.98 4.84 6.23
N ARG A 388 13.54 6.04 6.25
CA ARG A 388 12.74 7.24 6.42
C ARG A 388 11.90 7.52 5.18
N VAL A 389 10.65 7.89 5.39
CA VAL A 389 9.76 8.29 4.31
C VAL A 389 9.56 9.80 4.38
N PRO A 390 9.85 10.55 3.32
CA PRO A 390 9.81 12.02 3.46
C PRO A 390 8.49 12.60 3.95
N SER A 391 7.34 12.08 3.51
CA SER A 391 6.06 12.66 3.93
C SER A 391 5.74 12.35 5.38
N GLY A 392 6.49 11.47 6.02
CA GLY A 392 6.23 11.08 7.39
C GLY A 392 6.31 9.58 7.52
N GLY A 393 6.72 9.12 8.69
CA GLY A 393 6.85 7.70 8.93
C GLY A 393 8.19 7.12 8.52
N TYR A 394 8.37 5.87 8.94
CA TYR A 394 9.49 5.02 8.57
C TYR A 394 8.89 3.69 8.14
N SER A 395 9.56 2.99 7.24
CA SER A 395 9.01 1.77 6.69
C SER A 395 9.95 0.58 6.84
N SER A 396 9.37 -0.59 7.11
CA SER A 396 10.09 -1.83 6.88
C SER A 396 10.67 -1.81 5.47
N ILE A 397 11.80 -2.52 5.30
CA ILE A 397 12.45 -2.61 4.00
C ILE A 397 12.67 -4.07 3.63
N ASN A 398 12.74 -4.33 2.32
CA ASN A 398 12.88 -5.68 1.82
C ASN A 398 14.32 -6.13 1.65
N ASN A 399 15.29 -5.20 1.62
CA ASN A 399 16.66 -5.61 1.30
C ASN A 399 17.69 -4.84 2.11
N VAL A 400 18.06 -5.38 3.27
CA VAL A 400 19.09 -4.73 4.09
C VAL A 400 20.46 -4.77 3.46
N GLN A 401 20.63 -5.44 2.33
N GLN A 401 20.63 -5.44 2.33
CA GLN A 401 21.93 -5.55 1.68
CA GLN A 401 21.93 -5.53 1.69
C GLN A 401 22.10 -4.60 0.50
C GLN A 401 22.06 -4.66 0.46
N ASP A 402 21.11 -3.76 0.22
CA ASP A 402 21.16 -2.87 -0.95
C ASP A 402 20.91 -1.44 -0.48
N PRO A 403 21.97 -0.68 -0.20
CA PRO A 403 21.77 0.70 0.30
C PRO A 403 21.14 1.63 -0.71
N GLN A 404 21.25 1.34 -2.00
CA GLN A 404 20.65 2.16 -3.03
C GLN A 404 19.19 1.83 -3.25
N LYS A 405 18.80 0.57 -3.06
CA LYS A 405 17.43 0.11 -3.27
C LYS A 405 17.02 -0.77 -2.11
N PRO A 406 16.88 -0.20 -0.91
CA PRO A 406 16.44 -1.03 0.23
C PRO A 406 15.03 -1.55 0.07
N GLU A 407 14.21 -0.93 -0.79
CA GLU A 407 12.92 -1.45 -1.21
C GLU A 407 11.90 -1.47 -0.07
N PRO A 408 11.36 -0.32 0.31
CA PRO A 408 10.38 -0.27 1.39
C PRO A 408 9.16 -1.13 1.13
N ARG A 409 8.68 -1.77 2.19
CA ARG A 409 7.47 -2.59 2.16
C ARG A 409 6.20 -1.80 2.44
N ASP A 410 6.31 -0.52 2.76
CA ASP A 410 5.15 0.35 3.00
C ASP A 410 4.38 -0.07 4.27
N LYS A 411 5.10 -0.18 5.37
CA LYS A 411 4.47 -0.48 6.66
C LYS A 411 5.38 -0.03 7.78
N MET A 412 4.78 0.61 8.77
CA MET A 412 5.45 0.98 10.02
C MET A 412 4.84 0.13 11.12
N GLU A 413 5.54 -0.90 11.55
CA GLU A 413 5.01 -1.76 12.60
C GLU A 413 4.87 -0.97 13.91
N SER A 414 3.85 -1.33 14.70
CA SER A 414 3.58 -0.58 15.93
C SER A 414 4.77 -0.62 16.89
N PHE A 415 5.56 -1.70 16.86
CA PHE A 415 6.68 -1.81 17.78
C PHE A 415 7.85 -0.90 17.43
N PHE A 416 7.86 -0.24 16.28
CA PHE A 416 8.89 0.78 16.04
C PHE A 416 8.75 1.92 17.05
N LEU A 417 7.52 2.42 17.23
CA LEU A 417 7.30 3.47 18.21
C LEU A 417 7.07 2.92 19.62
N GLY A 418 6.51 1.71 19.73
CA GLY A 418 6.28 1.14 21.04
C GLY A 418 7.57 0.68 21.70
N GLU A 419 8.53 0.20 20.90
CA GLU A 419 9.74 -0.42 21.43
C GLU A 419 11.03 0.23 20.94
N THR A 420 11.27 0.24 19.64
CA THR A 420 12.59 0.58 19.13
C THR A 420 13.01 1.97 19.57
N LEU A 421 12.13 2.96 19.44
CA LEU A 421 12.56 4.30 19.82
C LEU A 421 12.51 4.48 21.32
N LYS A 422 11.65 3.75 22.02
CA LYS A 422 11.64 3.81 23.49
C LYS A 422 12.96 3.33 24.06
N TYR A 423 13.38 2.13 23.66
CA TYR A 423 14.64 1.62 24.17
C TYR A 423 15.81 2.53 23.78
N LEU A 424 15.76 3.11 22.58
CA LEU A 424 16.85 3.99 22.20
C LEU A 424 16.89 5.24 23.08
N PHE A 425 15.72 5.83 23.35
CA PHE A 425 15.66 6.99 24.24
C PHE A 425 16.22 6.67 25.62
N LEU A 426 15.88 5.50 26.16
CA LEU A 426 16.37 5.09 27.48
C LEU A 426 17.86 4.76 27.45
N LEU A 427 18.32 4.13 26.36
CA LEU A 427 19.74 3.81 26.22
C LEU A 427 20.59 5.06 26.32
N PHE A 428 20.11 6.18 25.76
CA PHE A 428 20.86 7.42 25.71
C PHE A 428 20.69 8.28 26.95
N SER A 429 19.79 7.90 27.85
CA SER A 429 19.48 8.71 29.02
C SER A 429 20.64 8.74 30.01
N ASP A 430 20.88 9.93 30.54
CA ASP A 430 21.85 10.15 31.60
C ASP A 430 21.30 9.80 32.99
N ASP A 431 20.06 9.32 33.09
CA ASP A 431 19.37 9.20 34.38
C ASP A 431 19.01 7.75 34.71
N PRO A 432 19.70 7.09 35.66
CA PRO A 432 19.28 5.73 36.05
C PRO A 432 17.98 5.69 36.83
N ASN A 433 17.53 6.82 37.38
CA ASN A 433 16.19 6.94 37.97
C ASN A 433 15.07 6.91 36.95
N LEU A 434 15.37 6.95 35.66
CA LEU A 434 14.33 6.92 34.65
C LEU A 434 13.99 5.47 34.36
N LEU A 435 12.76 5.08 34.66
CA LEU A 435 12.31 3.68 34.58
C LEU A 435 13.40 2.75 35.14
N SER A 436 13.69 2.93 36.42
CA SER A 436 14.73 2.14 37.08
C SER A 436 14.46 0.63 37.00
N LEU A 437 15.54 -0.14 36.80
CA LEU A 437 15.39 -1.58 36.82
C LEU A 437 14.99 -2.09 38.20
N ASP A 438 15.10 -1.27 39.24
CA ASP A 438 14.63 -1.62 40.58
C ASP A 438 13.13 -1.48 40.73
N ALA A 439 12.47 -0.77 39.82
CA ALA A 439 11.09 -0.35 40.01
C ALA A 439 10.13 -0.86 38.96
N TYR A 440 10.60 -1.13 37.76
CA TYR A 440 9.76 -1.57 36.66
C TYR A 440 10.38 -2.78 35.99
N VAL A 441 9.52 -3.61 35.40
CA VAL A 441 9.94 -4.62 34.45
C VAL A 441 9.20 -4.33 33.15
N PHE A 442 9.91 -4.37 32.04
CA PHE A 442 9.29 -4.17 30.73
C PHE A 442 8.67 -5.47 30.24
N ASN A 443 7.48 -5.38 29.66
CA ASN A 443 6.85 -6.56 29.09
C ASN A 443 7.45 -6.82 27.70
N ALA A 444 6.87 -7.78 26.98
CA ALA A 444 7.43 -8.22 25.70
C ALA A 444 7.39 -7.14 24.63
N GLU A 445 6.63 -6.06 24.84
CA GLU A 445 6.49 -4.96 23.88
C GLU A 445 6.91 -3.64 24.54
N ALA A 446 7.87 -3.72 25.45
CA ALA A 446 8.52 -2.55 26.05
C ALA A 446 7.55 -1.69 26.85
N HIS A 447 6.53 -2.30 27.45
CA HIS A 447 5.60 -1.57 28.29
C HIS A 447 5.95 -1.79 29.75
N PRO A 448 6.43 -0.77 30.45
CA PRO A 448 6.92 -0.97 31.83
C PRO A 448 5.77 -1.17 32.80
N LEU A 449 5.94 -2.15 33.68
CA LEU A 449 4.99 -2.54 34.70
C LEU A 449 5.69 -2.55 36.05
N PRO A 450 5.02 -2.17 37.12
CA PRO A 450 5.73 -2.00 38.40
C PRO A 450 6.16 -3.32 39.00
N ILE A 451 7.35 -3.32 39.58
CA ILE A 451 7.78 -4.44 40.40
C ILE A 451 7.01 -4.39 41.73
N TRP A 452 6.52 -5.55 42.17
CA TRP A 452 5.75 -5.66 43.41
C TRP A 452 6.71 -5.67 44.60
N THR A 453 7.13 -4.51 45.03
CA THR A 453 8.21 -4.49 46.00
C THR A 453 7.79 -5.20 47.29
N PRO A 454 8.57 -6.24 47.76
CA PRO A 454 7.97 -7.33 48.56
C PRO A 454 7.66 -7.04 50.02
N ALA A 455 7.24 -8.11 50.71
CA ALA A 455 6.89 -8.07 52.14
C ALA A 455 8.08 -7.77 53.03
N HIS B 1 -0.79 32.97 -12.48
CA HIS B 1 -0.49 33.58 -13.78
C HIS B 1 -0.31 32.50 -14.83
N LEU B 2 -0.87 32.70 -16.01
CA LEU B 2 -0.69 31.73 -17.09
C LEU B 2 0.65 31.95 -17.76
N ASN B 3 1.29 30.87 -18.16
CA ASN B 3 2.56 31.00 -18.85
C ASN B 3 2.38 30.86 -20.37
N TYR B 4 3.50 31.02 -21.07
CA TYR B 4 3.49 31.07 -22.53
C TYR B 4 2.86 29.81 -23.12
N ARG B 5 3.25 28.64 -22.63
CA ARG B 5 2.74 27.43 -23.24
C ARG B 5 1.26 27.25 -22.92
N GLN B 6 0.82 27.63 -21.73
CA GLN B 6 -0.60 27.56 -21.43
C GLN B 6 -1.40 28.49 -22.31
N LYS B 7 -0.88 29.70 -22.56
CA LYS B 7 -1.56 30.60 -23.47
C LYS B 7 -1.71 29.96 -24.85
N GLY B 8 -0.68 29.26 -25.30
CA GLY B 8 -0.77 28.53 -26.56
C GLY B 8 -1.88 27.49 -26.57
N VAL B 9 -2.00 26.73 -25.48
CA VAL B 9 -3.10 25.78 -25.39
C VAL B 9 -4.44 26.50 -25.48
N ILE B 10 -4.58 27.62 -24.78
CA ILE B 10 -5.84 28.37 -24.82
C ILE B 10 -6.14 28.85 -26.23
N ASP B 11 -5.12 29.31 -26.96
CA ASP B 11 -5.33 29.76 -28.34
C ASP B 11 -5.86 28.62 -29.19
N VAL B 12 -5.28 27.42 -29.02
CA VAL B 12 -5.75 26.24 -29.75
C VAL B 12 -7.17 25.89 -29.33
N PHE B 13 -7.43 25.89 -28.03
CA PHE B 13 -8.80 25.61 -27.59
C PHE B 13 -9.79 26.57 -28.21
N LEU B 14 -9.48 27.86 -28.20
CA LEU B 14 -10.47 28.82 -28.66
C LEU B 14 -10.64 28.74 -30.18
N HIS B 15 -9.58 28.39 -30.91
CA HIS B 15 -9.73 28.18 -32.35
C HIS B 15 -10.60 26.95 -32.62
N ALA B 16 -10.43 25.90 -31.81
CA ALA B 16 -11.28 24.73 -31.94
C ALA B 16 -12.72 25.07 -31.59
N TRP B 17 -12.90 25.80 -30.50
CA TRP B 17 -14.25 26.08 -30.01
C TRP B 17 -15.01 27.02 -30.93
N LYS B 18 -14.33 27.98 -31.59
CA LYS B 18 -15.05 28.84 -32.51
C LYS B 18 -15.63 28.05 -33.66
N GLY B 19 -14.96 26.98 -34.09
CA GLY B 19 -15.56 26.11 -35.09
C GLY B 19 -16.78 25.39 -34.54
N TYR B 20 -16.69 24.90 -33.31
CA TYR B 20 -17.80 24.18 -32.73
C TYR B 20 -19.00 25.09 -32.56
N ARG B 21 -18.78 26.33 -32.06
CA ARG B 21 -19.89 27.25 -31.86
C ARG B 21 -20.54 27.64 -33.17
N LYS B 22 -19.74 27.89 -34.20
CA LYS B 22 -20.29 28.41 -35.45
C LYS B 22 -21.05 27.33 -36.20
N PHE B 23 -20.56 26.10 -36.17
CA PHE B 23 -21.01 25.10 -37.12
C PHE B 23 -21.58 23.85 -36.47
N ALA B 24 -21.43 23.66 -35.15
CA ALA B 24 -21.84 22.41 -34.52
C ALA B 24 -22.46 22.60 -33.14
N TRP B 25 -23.03 23.78 -32.87
CA TRP B 25 -23.43 24.12 -31.51
C TRP B 25 -24.53 23.20 -31.03
N GLY B 26 -24.29 22.53 -29.91
CA GLY B 26 -25.28 21.65 -29.37
C GLY B 26 -25.30 20.29 -30.03
N HIS B 27 -24.39 20.04 -30.96
CA HIS B 27 -24.30 18.77 -31.67
C HIS B 27 -23.12 17.97 -31.15
N ASP B 28 -23.08 16.69 -31.49
CA ASP B 28 -22.10 15.83 -30.83
C ASP B 28 -20.68 16.14 -31.27
N GLU B 29 -20.43 16.27 -32.57
CA GLU B 29 -19.09 16.50 -33.08
C GLU B 29 -19.09 17.51 -34.22
N LEU B 30 -18.09 18.38 -34.18
CA LEU B 30 -17.80 19.26 -35.31
C LEU B 30 -17.14 18.48 -36.44
N LYS B 31 -17.56 18.81 -37.66
CA LYS B 31 -16.88 18.37 -38.87
C LYS B 31 -16.26 19.65 -39.44
N PRO B 32 -15.01 19.94 -39.12
CA PRO B 32 -14.52 21.31 -39.32
C PRO B 32 -14.22 21.65 -40.77
N VAL B 33 -13.81 20.67 -41.57
CA VAL B 33 -13.46 20.94 -42.96
C VAL B 33 -14.70 21.28 -43.76
N SER B 34 -15.81 20.58 -43.52
CA SER B 34 -17.07 20.84 -44.20
C SER B 34 -17.92 21.86 -43.48
N ARG B 35 -17.49 22.32 -42.30
CA ARG B 35 -18.21 23.29 -41.50
C ARG B 35 -19.62 22.77 -41.17
N SER B 36 -19.67 21.54 -40.68
N SER B 36 -19.67 21.54 -40.70
CA SER B 36 -20.92 20.88 -40.36
CA SER B 36 -20.93 20.92 -40.32
C SER B 36 -20.71 20.06 -39.09
C SER B 36 -20.73 20.07 -39.07
N PHE B 37 -21.57 19.06 -38.87
CA PHE B 37 -21.53 18.31 -37.64
C PHE B 37 -22.05 16.90 -37.87
N SER B 38 -21.79 16.05 -36.89
CA SER B 38 -22.36 14.71 -36.82
C SER B 38 -22.94 14.47 -35.43
N GLU B 39 -23.87 13.52 -35.40
CA GLU B 39 -24.55 13.07 -34.18
C GLU B 39 -24.42 11.56 -34.06
N TRP B 40 -24.23 11.07 -32.83
CA TRP B 40 -24.48 9.67 -32.54
C TRP B 40 -25.28 9.53 -31.24
N PHE B 41 -24.90 10.23 -30.18
CA PHE B 41 -25.76 10.39 -29.00
C PHE B 41 -26.91 11.33 -29.29
N GLY B 42 -26.63 12.44 -29.96
CA GLY B 42 -27.56 13.55 -30.00
C GLY B 42 -27.67 14.26 -28.66
N LEU B 43 -26.57 14.32 -27.90
CA LEU B 43 -26.59 14.89 -26.55
C LEU B 43 -25.52 15.97 -26.35
N GLY B 44 -25.15 16.69 -27.41
CA GLY B 44 -24.14 17.73 -27.28
C GLY B 44 -22.81 17.22 -26.77
N LEU B 45 -22.38 16.05 -27.26
CA LEU B 45 -21.24 15.36 -26.68
C LEU B 45 -20.00 16.26 -26.52
N THR B 46 -19.59 16.96 -27.57
CA THR B 46 -18.38 17.78 -27.49
C THR B 46 -18.53 18.88 -26.43
N LEU B 47 -19.74 19.43 -26.30
CA LEU B 47 -20.00 20.46 -25.31
C LEU B 47 -19.85 19.89 -23.90
N ILE B 48 -20.46 18.73 -23.65
CA ILE B 48 -20.39 18.17 -22.31
C ILE B 48 -18.95 17.76 -21.98
N ASP B 49 -18.25 17.19 -22.95
CA ASP B 49 -16.90 16.71 -22.71
C ASP B 49 -15.94 17.86 -22.42
N ALA B 50 -16.27 19.05 -22.88
CA ALA B 50 -15.40 20.21 -22.76
C ALA B 50 -15.78 21.14 -21.62
N LEU B 51 -16.90 20.88 -20.91
CA LEU B 51 -17.31 21.74 -19.81
C LEU B 51 -16.17 21.93 -18.82
N ASP B 52 -15.60 20.83 -18.32
CA ASP B 52 -14.55 20.99 -17.31
C ASP B 52 -13.27 21.57 -17.89
N THR B 53 -12.95 21.29 -19.15
CA THR B 53 -11.78 21.91 -19.76
C THR B 53 -11.95 23.43 -19.82
N MET B 54 -13.13 23.89 -20.21
CA MET B 54 -13.40 25.34 -20.24
C MET B 54 -13.25 25.93 -18.85
N TRP B 55 -13.79 25.26 -17.84
CA TRP B 55 -13.64 25.78 -16.48
C TRP B 55 -12.18 25.90 -16.10
N ILE B 56 -11.42 24.85 -16.35
CA ILE B 56 -10.03 24.78 -15.92
C ILE B 56 -9.18 25.83 -16.64
N LEU B 57 -9.43 26.02 -17.93
CA LEU B 57 -8.64 26.97 -18.70
C LEU B 57 -9.07 28.42 -18.43
N GLY B 58 -10.06 28.63 -17.59
CA GLY B 58 -10.51 29.97 -17.30
C GLY B 58 -11.42 30.59 -18.34
N LEU B 59 -12.02 29.75 -19.20
CA LEU B 59 -12.88 30.23 -20.28
C LEU B 59 -14.30 30.35 -19.73
N ARG B 60 -14.49 31.35 -18.87
CA ARG B 60 -15.71 31.38 -18.07
C ARG B 60 -16.91 31.87 -18.86
N LYS B 61 -16.74 32.79 -19.81
CA LYS B 61 -17.89 33.19 -20.61
C LYS B 61 -18.34 32.04 -21.51
N GLU B 62 -17.40 31.27 -22.04
CA GLU B 62 -17.76 30.08 -22.81
C GLU B 62 -18.45 29.05 -21.92
N PHE B 63 -17.94 28.84 -20.71
CA PHE B 63 -18.58 27.90 -19.79
C PHE B 63 -20.00 28.33 -19.49
N GLU B 64 -20.21 29.63 -19.25
N GLU B 64 -20.22 29.62 -19.27
CA GLU B 64 -21.55 30.14 -18.96
CA GLU B 64 -21.57 30.08 -18.95
C GLU B 64 -22.51 29.87 -20.11
C GLU B 64 -22.53 29.86 -20.12
N GLU B 65 -22.05 30.07 -21.34
CA GLU B 65 -22.92 29.84 -22.50
C GLU B 65 -23.25 28.36 -22.60
N ALA B 66 -22.27 27.51 -22.36
CA ALA B 66 -22.48 26.07 -22.43
C ALA B 66 -23.41 25.61 -21.32
N ARG B 67 -23.31 26.22 -20.15
CA ARG B 67 -24.18 25.87 -19.03
C ARG B 67 -25.62 26.21 -19.36
N LYS B 68 -25.86 27.35 -20.01
CA LYS B 68 -27.21 27.69 -20.44
C LYS B 68 -27.76 26.64 -21.40
N TRP B 69 -26.94 26.15 -22.32
CA TRP B 69 -27.39 25.08 -23.20
C TRP B 69 -27.74 23.83 -22.39
N VAL B 70 -26.87 23.41 -21.46
CA VAL B 70 -27.21 22.24 -20.65
C VAL B 70 -28.55 22.48 -19.96
N SER B 71 -28.77 23.69 -19.48
CA SER B 71 -29.94 24.01 -18.69
C SER B 71 -31.22 23.92 -19.52
N LYS B 72 -31.17 24.37 -20.77
CA LYS B 72 -32.39 24.49 -21.56
C LYS B 72 -32.56 23.40 -22.61
N LYS B 73 -31.49 22.80 -23.08
CA LYS B 73 -31.53 21.98 -24.27
C LYS B 73 -31.13 20.53 -24.08
N LEU B 74 -30.55 20.15 -22.95
CA LEU B 74 -30.05 18.78 -22.78
C LEU B 74 -31.16 17.92 -22.20
N HIS B 75 -31.61 16.93 -22.96
CA HIS B 75 -32.76 16.11 -22.58
C HIS B 75 -32.46 14.68 -22.97
N PHE B 76 -32.78 13.73 -22.09
CA PHE B 76 -32.33 12.37 -22.28
C PHE B 76 -33.43 11.40 -22.67
N GLU B 77 -34.60 11.87 -23.10
CA GLU B 77 -35.69 10.93 -23.35
C GLU B 77 -35.75 10.41 -24.79
N LYS B 78 -34.83 10.79 -25.68
CA LYS B 78 -34.96 10.37 -27.06
C LYS B 78 -34.80 8.85 -27.17
N ASP B 79 -35.45 8.31 -28.19
CA ASP B 79 -35.28 6.92 -28.59
C ASP B 79 -33.93 6.79 -29.26
N VAL B 80 -32.90 6.49 -28.48
CA VAL B 80 -31.56 6.35 -29.03
C VAL B 80 -30.80 5.33 -28.21
N ASP B 81 -30.12 4.43 -28.91
CA ASP B 81 -29.23 3.44 -28.31
C ASP B 81 -27.88 4.06 -28.05
N VAL B 82 -27.36 3.91 -26.84
CA VAL B 82 -26.03 4.39 -26.51
C VAL B 82 -25.17 3.25 -25.95
N ASN B 83 -23.87 3.34 -26.23
CA ASN B 83 -22.88 2.48 -25.59
C ASN B 83 -22.72 2.88 -24.12
N LEU B 84 -22.86 1.91 -23.21
CA LEU B 84 -22.83 2.22 -21.79
C LEU B 84 -21.50 2.84 -21.38
N PHE B 85 -20.40 2.25 -21.85
CA PHE B 85 -19.06 2.73 -21.51
C PHE B 85 -18.81 4.13 -22.04
N GLU B 86 -19.07 4.37 -23.31
CA GLU B 86 -18.82 5.70 -23.85
C GLU B 86 -19.71 6.71 -23.15
N SER B 87 -20.98 6.36 -22.93
CA SER B 87 -21.91 7.22 -22.21
C SER B 87 -21.36 7.58 -20.84
N THR B 88 -20.86 6.59 -20.14
CA THR B 88 -20.41 6.77 -18.77
C THR B 88 -19.18 7.64 -18.69
N ILE B 89 -18.14 7.34 -19.49
CA ILE B 89 -16.89 8.06 -19.31
C ILE B 89 -17.01 9.49 -19.84
N ARG B 90 -17.77 9.70 -20.93
CA ARG B 90 -17.87 11.03 -21.53
C ARG B 90 -18.95 11.89 -20.86
N ILE B 91 -20.19 11.43 -20.88
CA ILE B 91 -21.31 12.28 -20.45
C ILE B 91 -21.52 12.23 -18.95
N LEU B 92 -21.66 11.04 -18.35
CA LEU B 92 -21.81 11.02 -16.90
C LEU B 92 -20.55 11.59 -16.23
N GLY B 93 -19.36 11.15 -16.66
CA GLY B 93 -18.13 11.69 -16.12
C GLY B 93 -18.02 13.19 -16.32
N GLY B 94 -18.33 13.68 -17.52
CA GLY B 94 -18.16 15.09 -17.79
C GLY B 94 -19.12 15.95 -16.97
N LEU B 95 -20.35 15.44 -16.78
CA LEU B 95 -21.29 16.18 -15.95
C LEU B 95 -20.86 16.18 -14.49
N LEU B 96 -20.32 15.06 -14.01
CA LEU B 96 -19.86 15.01 -12.63
C LEU B 96 -18.69 15.96 -12.39
N SER B 97 -17.74 16.02 -13.33
N SER B 97 -17.74 16.02 -13.33
CA SER B 97 -16.62 16.93 -13.14
CA SER B 97 -16.63 16.94 -13.17
C SER B 97 -17.09 18.37 -13.25
C SER B 97 -17.12 18.37 -13.22
N ALA B 98 -18.05 18.65 -14.13
CA ALA B 98 -18.58 20.01 -14.21
C ALA B 98 -19.26 20.41 -12.90
N TYR B 99 -20.01 19.50 -12.31
CA TYR B 99 -20.61 19.74 -11.01
C TYR B 99 -19.53 20.07 -9.98
N HIS B 100 -18.49 19.25 -9.90
CA HIS B 100 -17.52 19.45 -8.83
C HIS B 100 -16.76 20.76 -8.99
N LEU B 101 -16.39 21.11 -10.22
CA LEU B 101 -15.61 22.33 -10.42
C LEU B 101 -16.46 23.58 -10.29
N SER B 102 -17.70 23.56 -10.77
CA SER B 102 -18.50 24.75 -10.78
C SER B 102 -19.35 24.90 -9.54
N GLY B 103 -19.58 23.82 -8.81
CA GLY B 103 -20.55 23.82 -7.73
C GLY B 103 -22.00 23.93 -8.16
N ASP B 104 -22.29 23.86 -9.45
CA ASP B 104 -23.64 24.10 -9.96
C ASP B 104 -24.45 22.79 -9.98
N SER B 105 -25.45 22.70 -9.11
CA SER B 105 -26.20 21.47 -8.99
C SER B 105 -26.92 21.07 -10.28
N LEU B 106 -27.06 21.95 -11.27
CA LEU B 106 -27.63 21.55 -12.54
C LEU B 106 -26.92 20.31 -13.09
N PHE B 107 -25.59 20.31 -13.02
CA PHE B 107 -24.84 19.22 -13.62
C PHE B 107 -25.07 17.91 -12.89
N LEU B 108 -25.25 17.95 -11.57
CA LEU B 108 -25.53 16.72 -10.83
C LEU B 108 -26.93 16.22 -11.13
N ARG B 109 -27.90 17.12 -11.24
N ARG B 109 -27.91 17.13 -11.20
CA ARG B 109 -29.26 16.71 -11.58
CA ARG B 109 -29.26 16.75 -11.60
C ARG B 109 -29.31 16.03 -12.95
C ARG B 109 -29.26 16.01 -12.93
N LYS B 110 -28.57 16.57 -13.93
CA LYS B 110 -28.51 15.92 -15.23
C LYS B 110 -27.77 14.59 -15.14
N ALA B 111 -26.73 14.54 -14.34
CA ALA B 111 -25.99 13.29 -14.17
C ALA B 111 -26.87 12.21 -13.58
N GLU B 112 -27.70 12.56 -12.59
CA GLU B 112 -28.55 11.55 -11.96
C GLU B 112 -29.59 11.06 -12.94
N ASP B 113 -30.21 11.98 -13.68
CA ASP B 113 -31.19 11.61 -14.70
C ASP B 113 -30.57 10.63 -15.69
N PHE B 114 -29.39 10.98 -16.19
CA PHE B 114 -28.71 10.15 -17.17
C PHE B 114 -28.35 8.79 -16.57
N GLY B 115 -27.76 8.78 -15.38
CA GLY B 115 -27.36 7.51 -14.79
C GLY B 115 -28.53 6.56 -14.61
N ASN B 116 -29.69 7.12 -14.25
CA ASN B 116 -30.85 6.25 -14.09
C ASN B 116 -31.24 5.62 -15.41
N ARG B 117 -31.08 6.36 -16.51
CA ARG B 117 -31.44 5.80 -17.81
C ARG B 117 -30.45 4.76 -18.31
N LEU B 118 -29.25 4.68 -17.71
CA LEU B 118 -28.29 3.67 -18.13
C LEU B 118 -28.50 2.34 -17.41
N MET B 119 -29.19 2.36 -16.26
CA MET B 119 -29.26 1.18 -15.40
C MET B 119 -29.85 -0.06 -16.05
N PRO B 120 -30.75 0.01 -17.04
CA PRO B 120 -31.24 -1.25 -17.64
C PRO B 120 -30.14 -2.09 -18.26
N ALA B 121 -28.98 -1.51 -18.54
CA ALA B 121 -27.89 -2.32 -19.12
C ALA B 121 -27.48 -3.47 -18.21
N PHE B 122 -27.69 -3.33 -16.90
CA PHE B 122 -27.20 -4.33 -15.96
C PHE B 122 -28.15 -5.52 -15.79
N ARG B 123 -29.32 -5.49 -16.42
CA ARG B 123 -30.33 -6.52 -16.26
C ARG B 123 -30.02 -7.69 -17.19
N THR B 124 -28.99 -8.43 -16.82
CA THR B 124 -28.50 -9.59 -17.56
C THR B 124 -28.43 -10.75 -16.58
N PRO B 125 -28.41 -11.98 -17.08
CA PRO B 125 -28.36 -13.11 -16.13
C PRO B 125 -27.20 -13.06 -15.19
N SER B 126 -26.04 -12.60 -15.67
CA SER B 126 -24.82 -12.54 -14.85
C SER B 126 -24.64 -11.22 -14.11
N LYS B 127 -25.42 -10.19 -14.45
CA LYS B 127 -25.28 -8.83 -13.96
C LYS B 127 -24.04 -8.14 -14.52
N ILE B 128 -23.30 -8.79 -15.41
CA ILE B 128 -22.36 -8.08 -16.29
C ILE B 128 -23.17 -7.34 -17.34
N PRO B 129 -23.00 -6.03 -17.50
CA PRO B 129 -23.95 -5.25 -18.31
C PRO B 129 -23.81 -5.51 -19.80
N TYR B 130 -24.95 -5.38 -20.50
CA TYR B 130 -24.98 -5.32 -21.96
C TYR B 130 -24.18 -4.12 -22.45
N SER B 131 -23.72 -4.20 -23.72
N SER B 131 -23.72 -4.20 -23.72
CA SER B 131 -22.95 -3.12 -24.32
CA SER B 131 -22.95 -3.11 -24.31
C SER B 131 -23.77 -1.85 -24.50
C SER B 131 -23.78 -1.85 -24.49
N ASP B 132 -25.03 -1.99 -24.90
CA ASP B 132 -25.83 -0.85 -25.34
C ASP B 132 -27.14 -0.77 -24.56
N VAL B 133 -27.61 0.46 -24.37
CA VAL B 133 -28.88 0.69 -23.70
C VAL B 133 -29.55 1.89 -24.34
N ASN B 134 -30.87 1.81 -24.48
CA ASN B 134 -31.65 2.89 -25.07
C ASN B 134 -32.19 3.77 -23.94
N ILE B 135 -31.73 5.03 -23.89
CA ILE B 135 -32.04 5.86 -22.73
C ILE B 135 -33.48 6.32 -22.72
N GLY B 136 -34.15 6.27 -23.88
CA GLY B 136 -35.54 6.68 -23.98
C GLY B 136 -36.54 5.54 -23.81
N THR B 137 -36.21 4.33 -24.26
CA THR B 137 -37.14 3.21 -24.18
C THR B 137 -36.86 2.26 -23.03
N GLY B 138 -35.67 2.30 -22.42
CA GLY B 138 -35.32 1.37 -21.37
C GLY B 138 -34.85 -0.01 -21.85
N VAL B 139 -34.76 -0.24 -23.16
CA VAL B 139 -34.33 -1.52 -23.68
C VAL B 139 -32.81 -1.53 -23.76
N ALA B 140 -32.19 -2.60 -23.28
CA ALA B 140 -30.75 -2.78 -23.39
C ALA B 140 -30.49 -4.08 -24.14
N HIS B 141 -29.35 -4.18 -24.79
CA HIS B 141 -29.08 -5.36 -25.59
C HIS B 141 -27.59 -5.45 -25.87
N PRO B 142 -27.10 -6.63 -26.23
CA PRO B 142 -25.73 -6.76 -26.66
C PRO B 142 -25.60 -6.40 -28.13
N PRO B 143 -24.39 -6.47 -28.69
CA PRO B 143 -24.27 -6.33 -30.15
C PRO B 143 -25.01 -7.44 -30.87
N ARG B 144 -25.30 -7.22 -32.16
CA ARG B 144 -26.26 -8.09 -32.85
C ARG B 144 -25.74 -9.50 -33.09
N TRP B 145 -24.43 -9.73 -32.97
CA TRP B 145 -23.84 -11.02 -33.32
C TRP B 145 -23.37 -11.82 -32.11
N THR B 146 -23.56 -11.32 -30.90
CA THR B 146 -22.90 -11.90 -29.74
C THR B 146 -23.62 -11.44 -28.48
N SER B 147 -23.58 -12.29 -27.46
CA SER B 147 -23.99 -11.86 -26.13
C SER B 147 -22.77 -11.50 -25.27
N ASP B 148 -21.59 -11.34 -25.88
CA ASP B 148 -20.42 -10.87 -25.15
C ASP B 148 -20.42 -9.34 -25.02
N SER B 149 -19.91 -8.88 -23.88
CA SER B 149 -19.50 -7.50 -23.67
C SER B 149 -17.97 -7.40 -23.71
N THR B 150 -17.49 -6.16 -23.79
CA THR B 150 -16.05 -5.88 -23.85
C THR B 150 -15.54 -5.68 -22.43
N VAL B 151 -14.42 -6.31 -22.09
CA VAL B 151 -13.95 -6.30 -20.70
C VAL B 151 -13.61 -4.88 -20.26
N ALA B 152 -12.88 -4.11 -21.09
CA ALA B 152 -12.58 -2.74 -20.70
C ALA B 152 -13.88 -1.95 -20.48
N GLU B 153 -14.89 -2.22 -21.28
CA GLU B 153 -16.12 -1.44 -21.18
C GLU B 153 -16.85 -1.69 -19.87
N VAL B 154 -16.86 -2.93 -19.36
CA VAL B 154 -17.64 -3.18 -18.14
C VAL B 154 -16.83 -2.91 -16.89
N THR B 155 -15.50 -2.74 -17.00
CA THR B 155 -14.62 -2.46 -15.86
C THR B 155 -14.09 -1.04 -15.85
N SER B 156 -14.61 -0.16 -16.72
CA SER B 156 -14.14 1.23 -16.81
C SER B 156 -15.29 2.20 -16.66
N ILE B 157 -16.29 1.82 -15.87
CA ILE B 157 -17.45 2.65 -15.55
C ILE B 157 -17.61 2.84 -14.05
N GLN B 158 -16.66 2.35 -13.26
CA GLN B 158 -16.89 2.24 -11.83
C GLN B 158 -16.71 3.57 -11.11
N LEU B 159 -15.70 4.35 -11.46
CA LEU B 159 -15.47 5.63 -10.80
C LEU B 159 -16.72 6.48 -10.83
N GLU B 160 -17.34 6.52 -11.99
CA GLU B 160 -18.45 7.43 -12.24
C GLU B 160 -19.70 7.00 -11.49
N PHE B 161 -20.03 5.70 -11.56
CA PHE B 161 -21.23 5.21 -10.87
C PHE B 161 -21.04 5.25 -9.36
N ARG B 162 -19.82 4.95 -8.87
CA ARG B 162 -19.53 5.05 -7.45
C ARG B 162 -19.73 6.49 -6.96
N GLU B 163 -19.17 7.44 -7.71
CA GLU B 163 -19.27 8.85 -7.30
C GLU B 163 -20.71 9.28 -7.33
N LEU B 164 -21.46 8.84 -8.34
CA LEU B 164 -22.86 9.23 -8.46
C LEU B 164 -23.64 8.74 -7.25
N SER B 165 -23.36 7.53 -6.80
CA SER B 165 -24.01 7.04 -5.58
C SER B 165 -23.62 7.88 -4.38
N ARG B 166 -22.34 8.21 -4.26
CA ARG B 166 -21.89 9.01 -3.11
C ARG B 166 -22.65 10.33 -3.07
N LEU B 167 -22.85 10.97 -4.21
CA LEU B 167 -23.47 12.29 -4.27
C LEU B 167 -24.98 12.24 -4.11
N THR B 168 -25.65 11.22 -4.64
CA THR B 168 -27.10 11.17 -4.64
C THR B 168 -27.68 10.39 -3.46
N GLY B 169 -26.88 9.59 -2.79
CA GLY B 169 -27.38 8.68 -1.78
C GLY B 169 -28.17 7.50 -2.31
N ASP B 170 -28.27 7.34 -3.63
CA ASP B 170 -28.91 6.18 -4.26
C ASP B 170 -27.82 5.14 -4.50
N LYS B 171 -27.86 4.04 -3.73
CA LYS B 171 -26.86 2.98 -3.77
C LYS B 171 -26.88 2.16 -5.05
N LYS B 172 -27.90 2.26 -5.88
CA LYS B 172 -28.04 1.33 -6.99
C LYS B 172 -26.90 1.45 -7.99
N PHE B 173 -26.38 2.67 -8.19
CA PHE B 173 -25.28 2.86 -9.12
C PHE B 173 -24.02 2.13 -8.65
N GLN B 174 -23.59 2.41 -7.42
CA GLN B 174 -22.42 1.75 -6.85
C GLN B 174 -22.59 0.23 -6.82
N GLU B 175 -23.77 -0.25 -6.40
CA GLU B 175 -23.95 -1.68 -6.23
C GLU B 175 -23.84 -2.41 -7.55
N ALA B 176 -24.39 -1.82 -8.62
CA ALA B 176 -24.34 -2.45 -9.93
C ALA B 176 -22.89 -2.55 -10.43
N VAL B 177 -22.12 -1.46 -10.34
CA VAL B 177 -20.79 -1.51 -10.90
C VAL B 177 -19.84 -2.29 -10.01
N GLU B 178 -20.03 -2.27 -8.70
CA GLU B 178 -19.09 -2.99 -7.84
C GLU B 178 -19.31 -4.50 -7.96
N LYS B 179 -20.55 -4.94 -8.24
N LYS B 179 -20.54 -4.93 -8.26
CA LYS B 179 -20.76 -6.36 -8.49
CA LYS B 179 -20.77 -6.35 -8.50
C LYS B 179 -19.88 -6.83 -9.63
C LYS B 179 -19.95 -6.85 -9.67
N VAL B 180 -19.76 -6.01 -10.68
CA VAL B 180 -18.91 -6.37 -11.83
C VAL B 180 -17.46 -6.54 -11.40
N THR B 181 -16.93 -5.55 -10.67
CA THR B 181 -15.54 -5.60 -10.24
C THR B 181 -15.29 -6.83 -9.38
N GLN B 182 -16.18 -7.11 -8.45
CA GLN B 182 -15.96 -8.24 -7.54
C GLN B 182 -16.01 -9.56 -8.30
N HIS B 183 -16.91 -9.66 -9.27
CA HIS B 183 -17.02 -10.87 -10.07
C HIS B 183 -15.76 -11.11 -10.89
N ILE B 184 -15.26 -10.06 -11.54
CA ILE B 184 -14.08 -10.24 -12.35
C ILE B 184 -12.88 -10.53 -11.49
N HIS B 185 -12.88 -10.08 -10.24
CA HIS B 185 -11.81 -10.39 -9.32
C HIS B 185 -11.62 -11.89 -9.13
N GLY B 186 -12.70 -12.67 -9.25
CA GLY B 186 -12.67 -14.10 -9.02
C GLY B 186 -12.68 -14.96 -10.27
N LEU B 187 -12.59 -14.35 -11.46
CA LEU B 187 -12.72 -15.13 -12.68
C LEU B 187 -11.45 -15.89 -13.01
N SER B 188 -11.62 -17.11 -13.55
CA SER B 188 -10.51 -17.86 -14.12
C SER B 188 -10.15 -17.31 -15.50
N GLY B 189 -8.98 -17.69 -15.99
CA GLY B 189 -8.61 -17.40 -17.35
C GLY B 189 -7.74 -16.18 -17.54
N LYS B 190 -7.32 -15.53 -16.46
CA LYS B 190 -6.30 -14.50 -16.54
C LYS B 190 -4.94 -15.15 -16.72
N LYS B 191 -4.01 -14.40 -17.33
CA LYS B 191 -2.61 -14.83 -17.40
C LYS B 191 -1.79 -13.88 -16.54
N ASP B 192 -1.45 -14.33 -15.33
CA ASP B 192 -0.69 -13.51 -14.39
C ASP B 192 -1.26 -12.10 -14.28
N GLY B 193 -2.58 -12.03 -14.10
CA GLY B 193 -3.28 -10.78 -13.93
C GLY B 193 -3.76 -10.14 -15.21
N LEU B 194 -3.38 -10.66 -16.37
CA LEU B 194 -3.82 -10.11 -17.65
C LEU B 194 -5.18 -10.70 -18.02
N VAL B 195 -6.11 -9.83 -18.45
CA VAL B 195 -7.48 -10.25 -18.73
C VAL B 195 -7.72 -10.44 -20.22
N PRO B 196 -8.55 -11.41 -20.59
CA PRO B 196 -9.09 -11.45 -21.95
C PRO B 196 -9.92 -10.21 -22.28
N MET B 197 -10.28 -10.10 -23.56
CA MET B 197 -10.95 -8.93 -24.13
C MET B 197 -12.46 -8.92 -23.97
N PHE B 198 -13.08 -10.08 -23.81
CA PHE B 198 -14.53 -10.21 -23.88
C PHE B 198 -15.02 -11.03 -22.70
N ILE B 199 -16.27 -10.79 -22.33
CA ILE B 199 -16.90 -11.46 -21.20
C ILE B 199 -18.37 -11.65 -21.58
N ASN B 200 -18.87 -12.87 -21.37
CA ASN B 200 -20.22 -13.21 -21.79
C ASN B 200 -21.24 -12.78 -20.75
N THR B 201 -22.29 -12.08 -21.19
CA THR B 201 -23.25 -11.57 -20.23
C THR B 201 -24.18 -12.64 -19.68
N HIS B 202 -24.33 -13.78 -20.36
CA HIS B 202 -25.19 -14.83 -19.83
C HIS B 202 -24.44 -15.65 -18.77
N SER B 203 -23.23 -16.09 -19.08
CA SER B 203 -22.50 -16.96 -18.16
C SER B 203 -21.66 -16.20 -17.18
N GLY B 204 -21.28 -14.97 -17.53
CA GLY B 204 -20.39 -14.20 -16.70
C GLY B 204 -18.93 -14.54 -16.86
N LEU B 205 -18.57 -15.45 -17.76
CA LEU B 205 -17.19 -15.92 -17.90
C LEU B 205 -16.49 -15.22 -19.07
N PHE B 206 -15.17 -15.08 -18.96
CA PHE B 206 -14.37 -14.56 -20.08
C PHE B 206 -14.54 -15.44 -21.31
N THR B 207 -14.48 -14.80 -22.47
CA THR B 207 -14.34 -15.49 -23.75
C THR B 207 -13.07 -15.00 -24.44
N HIS B 208 -12.79 -15.55 -25.62
CA HIS B 208 -11.54 -15.25 -26.33
C HIS B 208 -10.35 -15.49 -25.43
N LEU B 209 -10.35 -16.68 -24.82
CA LEU B 209 -9.30 -17.06 -23.89
C LEU B 209 -7.96 -17.15 -24.62
N GLY B 210 -6.89 -16.87 -23.88
CA GLY B 210 -5.55 -16.96 -24.39
C GLY B 210 -5.09 -15.81 -25.26
N VAL B 211 -5.91 -14.75 -25.39
CA VAL B 211 -5.57 -13.59 -26.22
C VAL B 211 -5.49 -12.37 -25.30
N PHE B 212 -4.29 -11.78 -25.19
CA PHE B 212 -4.03 -10.71 -24.24
C PHE B 212 -3.44 -9.48 -24.91
N THR B 213 -4.09 -8.33 -24.67
CA THR B 213 -3.63 -7.05 -25.15
C THR B 213 -3.82 -6.00 -24.05
N LEU B 214 -2.95 -4.99 -24.06
CA LEU B 214 -3.14 -3.82 -23.20
C LEU B 214 -3.71 -2.66 -23.99
N GLY B 215 -4.12 -2.88 -25.22
CA GLY B 215 -4.77 -1.90 -26.07
C GLY B 215 -6.28 -2.01 -26.05
N ALA B 216 -6.90 -1.76 -27.18
CA ALA B 216 -8.35 -1.68 -27.23
C ALA B 216 -8.99 -2.93 -26.66
N ARG B 217 -10.03 -2.74 -25.83
CA ARG B 217 -10.91 -3.72 -25.22
C ARG B 217 -10.40 -4.20 -23.87
N ALA B 218 -9.17 -3.90 -23.47
CA ALA B 218 -8.67 -4.32 -22.17
C ALA B 218 -7.97 -3.20 -21.41
N ASP B 219 -7.36 -2.26 -22.13
CA ASP B 219 -6.51 -1.23 -21.52
C ASP B 219 -7.07 -0.64 -20.23
N SER B 220 -8.29 -0.08 -20.26
CA SER B 220 -8.71 0.69 -19.09
C SER B 220 -9.16 -0.17 -17.90
N TYR B 221 -9.33 -1.47 -18.07
CA TYR B 221 -9.45 -2.33 -16.90
C TYR B 221 -8.31 -2.07 -15.93
N TYR B 222 -7.08 -2.05 -16.44
CA TYR B 222 -5.92 -1.88 -15.58
C TYR B 222 -5.90 -0.48 -14.97
N GLU B 223 -6.16 0.52 -15.81
CA GLU B 223 -6.22 1.91 -15.37
C GLU B 223 -7.22 2.09 -14.23
N TYR B 224 -8.40 1.49 -14.36
CA TYR B 224 -9.45 1.67 -13.35
C TYR B 224 -9.26 0.80 -12.11
N LEU B 225 -8.45 -0.26 -12.15
CA LEU B 225 -8.11 -0.89 -10.88
C LEU B 225 -7.35 0.09 -10.01
N LEU B 226 -6.32 0.73 -10.56
CA LEU B 226 -5.55 1.68 -9.78
C LEU B 226 -6.41 2.87 -9.38
N LYS B 227 -7.16 3.42 -10.31
CA LYS B 227 -7.87 4.66 -10.03
C LYS B 227 -8.99 4.46 -9.02
N GLN B 228 -9.69 3.31 -9.06
CA GLN B 228 -10.68 3.03 -8.02
C GLN B 228 -10.01 2.88 -6.67
N TRP B 229 -8.82 2.26 -6.64
CA TRP B 229 -8.11 2.13 -5.37
C TRP B 229 -7.78 3.50 -4.80
N ILE B 230 -7.32 4.42 -5.64
CA ILE B 230 -7.04 5.78 -5.20
C ILE B 230 -8.33 6.48 -4.76
N GLN B 231 -9.37 6.40 -5.59
CA GLN B 231 -10.64 7.06 -5.29
C GLN B 231 -11.15 6.70 -3.90
N GLY B 232 -11.10 5.41 -3.57
CA GLY B 232 -11.60 4.86 -2.33
C GLY B 232 -10.74 5.11 -1.13
N GLY B 233 -9.72 5.93 -1.27
CA GLY B 233 -8.90 6.20 -0.12
C GLY B 233 -7.93 5.09 0.17
N LYS B 234 -7.63 4.25 -0.82
CA LYS B 234 -6.63 3.20 -0.69
C LYS B 234 -6.99 2.16 0.36
N GLN B 235 -8.28 1.87 0.51
CA GLN B 235 -8.72 0.87 1.48
C GLN B 235 -9.22 -0.42 0.86
N GLU B 236 -9.35 -0.47 -0.47
CA GLU B 236 -9.89 -1.62 -1.18
C GLU B 236 -8.73 -2.45 -1.72
N THR B 237 -8.22 -3.34 -0.87
CA THR B 237 -6.94 -3.97 -1.15
C THR B 237 -6.97 -4.88 -2.37
N GLN B 238 -8.13 -5.45 -2.69
CA GLN B 238 -8.18 -6.36 -3.82
C GLN B 238 -7.86 -5.64 -5.13
N LEU B 239 -8.31 -4.39 -5.24
CA LEU B 239 -8.03 -3.62 -6.44
C LEU B 239 -6.52 -3.43 -6.61
N LEU B 240 -5.85 -3.04 -5.54
CA LEU B 240 -4.40 -2.89 -5.58
C LEU B 240 -3.73 -4.21 -5.92
N GLU B 241 -4.15 -5.28 -5.25
CA GLU B 241 -3.53 -6.59 -5.52
C GLU B 241 -3.65 -6.95 -6.99
N ASP B 242 -4.84 -6.79 -7.57
CA ASP B 242 -5.04 -7.16 -8.96
C ASP B 242 -4.25 -6.28 -9.92
N TYR B 243 -4.06 -5.02 -9.55
CA TYR B 243 -3.23 -4.13 -10.34
C TYR B 243 -1.75 -4.51 -10.26
N VAL B 244 -1.22 -4.66 -9.05
CA VAL B 244 0.17 -5.09 -8.90
C VAL B 244 0.40 -6.38 -9.68
N GLU B 245 -0.54 -7.34 -9.58
CA GLU B 245 -0.36 -8.60 -10.29
C GLU B 245 -0.28 -8.38 -11.78
N ALA B 246 -1.17 -7.54 -12.31
CA ALA B 246 -1.21 -7.29 -13.75
C ALA B 246 0.07 -6.65 -14.26
N ILE B 247 0.64 -5.71 -13.52
CA ILE B 247 1.87 -5.07 -13.99
C ILE B 247 3.01 -6.08 -14.04
N GLU B 248 3.09 -7.00 -13.08
CA GLU B 248 4.08 -8.07 -13.19
C GLU B 248 3.80 -8.95 -14.40
N GLY B 249 2.52 -9.21 -14.68
CA GLY B 249 2.19 -9.94 -15.90
C GLY B 249 2.66 -9.23 -17.15
N VAL B 250 2.49 -7.91 -17.21
CA VAL B 250 2.97 -7.16 -18.36
C VAL B 250 4.48 -7.38 -18.51
N ARG B 251 5.22 -7.21 -17.43
CA ARG B 251 6.67 -7.40 -17.46
C ARG B 251 7.04 -8.79 -17.90
N THR B 252 6.29 -9.78 -17.41
CA THR B 252 6.64 -11.17 -17.66
C THR B 252 6.34 -11.57 -19.10
N HIS B 253 5.21 -11.12 -19.63
CA HIS B 253 4.69 -11.64 -20.87
C HIS B 253 4.69 -10.70 -22.06
N LEU B 254 4.59 -9.38 -21.87
CA LEU B 254 4.27 -8.49 -23.00
C LEU B 254 5.39 -7.51 -23.35
N LEU B 255 6.41 -7.35 -22.51
CA LEU B 255 7.44 -6.36 -22.72
C LEU B 255 8.57 -6.92 -23.57
N ARG B 256 8.94 -6.17 -24.61
N ARG B 256 8.92 -6.19 -24.63
CA ARG B 256 10.07 -6.50 -25.45
CA ARG B 256 10.06 -6.51 -25.47
C ARG B 256 10.84 -5.21 -25.72
C ARG B 256 10.73 -5.20 -25.87
N HIS B 257 11.85 -5.30 -26.58
CA HIS B 257 12.65 -4.12 -26.96
C HIS B 257 12.79 -4.03 -28.46
N SER B 258 12.68 -2.82 -28.98
CA SER B 258 12.67 -2.56 -30.41
C SER B 258 14.08 -2.53 -30.99
N GLU B 259 14.13 -2.57 -32.31
CA GLU B 259 15.38 -2.32 -33.04
C GLU B 259 15.12 -1.14 -33.97
N PRO B 260 16.09 -0.20 -34.11
CA PRO B 260 17.47 -0.24 -33.62
C PRO B 260 17.67 0.40 -32.27
N SER B 261 16.67 1.07 -31.70
CA SER B 261 16.95 1.92 -30.55
C SER B 261 16.77 1.22 -29.20
N LYS B 262 16.33 -0.03 -29.19
CA LYS B 262 16.16 -0.78 -27.95
C LYS B 262 15.09 -0.17 -27.04
N LEU B 263 14.02 0.40 -27.62
CA LEU B 263 12.95 0.97 -26.84
C LEU B 263 12.08 -0.14 -26.24
N THR B 264 11.68 0.05 -24.99
CA THR B 264 10.74 -0.87 -24.35
C THR B 264 9.34 -0.65 -24.88
N PHE B 265 8.69 -1.73 -25.31
CA PHE B 265 7.33 -1.62 -25.79
C PHE B 265 6.51 -2.81 -25.29
N VAL B 266 5.20 -2.66 -25.38
CA VAL B 266 4.23 -3.62 -24.90
C VAL B 266 3.59 -4.22 -26.14
N GLY B 267 3.73 -5.54 -26.31
CA GLY B 267 3.14 -6.24 -27.41
C GLY B 267 1.93 -7.05 -26.98
N GLU B 268 1.42 -7.84 -27.91
CA GLU B 268 0.21 -8.61 -27.73
C GLU B 268 0.54 -10.10 -27.74
N LEU B 269 -0.25 -10.88 -27.03
CA LEU B 269 -0.05 -12.34 -26.94
C LEU B 269 -1.31 -13.07 -27.37
N ALA B 270 -1.18 -14.04 -28.28
CA ALA B 270 -2.31 -14.83 -28.77
C ALA B 270 -1.88 -16.29 -28.75
N HIS B 271 -2.49 -17.07 -27.86
CA HIS B 271 -2.16 -18.49 -27.70
C HIS B 271 -0.65 -18.69 -27.64
N GLY B 272 0.01 -17.86 -26.85
CA GLY B 272 1.42 -17.99 -26.63
C GLY B 272 2.30 -17.41 -27.71
N ARG B 273 1.74 -16.88 -28.79
CA ARG B 273 2.51 -16.24 -29.83
C ARG B 273 2.58 -14.74 -29.58
N PHE B 274 3.78 -14.17 -29.56
CA PHE B 274 3.96 -12.73 -29.32
C PHE B 274 3.80 -11.97 -30.62
N SER B 275 3.19 -10.79 -30.54
CA SER B 275 2.99 -9.92 -31.70
C SER B 275 3.44 -8.52 -31.32
N ALA B 276 4.31 -7.93 -32.13
CA ALA B 276 4.86 -6.61 -31.80
C ALA B 276 3.95 -5.47 -32.23
N LYS B 277 2.64 -5.63 -32.10
CA LYS B 277 1.68 -4.61 -32.42
C LYS B 277 1.35 -3.84 -31.15
N MET B 278 1.30 -2.50 -31.23
CA MET B 278 0.95 -1.67 -30.08
C MET B 278 0.02 -0.53 -30.51
N ASP B 279 -1.23 -0.58 -30.06
CA ASP B 279 -2.15 0.55 -30.22
C ASP B 279 -1.59 1.78 -29.52
N HIS B 280 -1.83 2.96 -30.12
CA HIS B 280 -1.52 4.20 -29.39
C HIS B 280 -2.24 4.22 -28.03
N LEU B 281 -3.39 3.55 -27.92
CA LEU B 281 -4.12 3.45 -26.64
C LEU B 281 -3.22 2.97 -25.52
N VAL B 282 -2.23 2.12 -25.83
CA VAL B 282 -1.36 1.57 -24.80
C VAL B 282 -0.49 2.63 -24.16
N CYS B 283 -0.34 3.80 -24.79
CA CYS B 283 0.43 4.86 -24.19
C CYS B 283 -0.24 5.47 -22.96
N PHE B 284 -1.45 5.02 -22.56
CA PHE B 284 -1.97 5.36 -21.23
C PHE B 284 -1.07 4.82 -20.14
N LEU B 285 -0.34 3.74 -20.43
CA LEU B 285 0.28 2.96 -19.36
C LEU B 285 1.39 3.71 -18.64
N PRO B 286 2.31 4.40 -19.31
CA PRO B 286 3.33 5.14 -18.56
C PRO B 286 2.73 6.09 -17.54
N GLY B 287 1.68 6.82 -17.92
CA GLY B 287 1.03 7.73 -16.98
C GLY B 287 0.39 7.03 -15.82
N THR B 288 -0.34 5.93 -16.08
CA THR B 288 -0.95 5.16 -15.00
C THR B 288 0.14 4.59 -14.06
N LEU B 289 1.24 4.09 -14.62
CA LEU B 289 2.34 3.59 -13.78
C LEU B 289 2.87 4.70 -12.88
N ALA B 290 3.11 5.88 -13.46
CA ALA B 290 3.64 7.00 -12.69
C ALA B 290 2.65 7.45 -11.62
N LEU B 291 1.36 7.53 -11.98
CA LEU B 291 0.33 7.84 -11.00
C LEU B 291 0.41 6.88 -9.82
N GLY B 292 0.57 5.60 -10.11
CA GLY B 292 0.66 4.62 -9.05
C GLY B 292 1.85 4.89 -8.15
N VAL B 293 3.02 5.19 -8.74
CA VAL B 293 4.21 5.45 -7.95
C VAL B 293 3.98 6.64 -7.04
N TYR B 294 3.32 7.69 -7.53
CA TYR B 294 3.01 8.82 -6.68
C TYR B 294 2.26 8.38 -5.43
N HIS B 295 1.40 7.39 -5.58
CA HIS B 295 0.56 6.89 -4.51
C HIS B 295 1.15 5.68 -3.79
N GLY B 296 2.42 5.37 -4.00
CA GLY B 296 3.10 4.37 -3.20
C GLY B 296 3.41 3.07 -3.90
N LEU B 297 3.13 2.94 -5.18
CA LEU B 297 3.51 1.72 -5.88
C LEU B 297 5.04 1.67 -6.02
N PRO B 298 5.59 0.48 -6.28
CA PRO B 298 7.04 0.32 -6.22
C PRO B 298 7.83 1.06 -7.29
N ALA B 299 9.09 1.39 -6.95
CA ALA B 299 9.97 2.11 -7.86
C ALA B 299 10.11 1.40 -9.20
N SER B 300 9.99 0.08 -9.24
CA SER B 300 10.12 -0.61 -10.52
C SER B 300 9.07 -0.12 -11.49
N HIS B 301 7.91 0.32 -10.98
CA HIS B 301 6.89 0.85 -11.86
C HIS B 301 7.33 2.16 -12.50
N MET B 302 8.11 2.97 -11.79
CA MET B 302 8.60 4.23 -12.37
C MET B 302 9.65 3.97 -13.43
N GLU B 303 10.53 3.00 -13.22
CA GLU B 303 11.48 2.66 -14.27
C GLU B 303 10.74 2.30 -15.55
N LEU B 304 9.69 1.49 -15.42
CA LEU B 304 8.94 1.09 -16.60
C LEU B 304 8.20 2.29 -17.20
N ALA B 305 7.64 3.14 -16.34
CA ALA B 305 6.95 4.34 -16.81
C ALA B 305 7.86 5.20 -17.69
N GLN B 306 9.10 5.46 -17.24
N GLN B 306 9.09 5.46 -17.22
CA GLN B 306 9.95 6.37 -17.99
CA GLN B 306 10.00 6.33 -17.94
C GLN B 306 10.46 5.73 -19.29
C GLN B 306 10.37 5.72 -19.29
N GLU B 307 10.62 4.41 -19.32
CA GLU B 307 10.92 3.74 -20.57
C GLU B 307 9.75 3.84 -21.54
N LEU B 308 8.55 3.50 -21.07
CA LEU B 308 7.40 3.57 -21.96
C LEU B 308 7.07 5.00 -22.38
N MET B 309 7.36 5.99 -21.54
CA MET B 309 7.11 7.38 -21.94
C MET B 309 7.99 7.74 -23.13
N GLU B 310 9.28 7.34 -23.10
CA GLU B 310 10.17 7.60 -24.24
C GLU B 310 9.64 6.92 -25.50
N THR B 311 9.19 5.69 -25.37
CA THR B 311 8.71 4.95 -26.50
C THR B 311 7.50 5.63 -27.12
N CYS B 312 6.56 6.04 -26.28
CA CYS B 312 5.36 6.73 -26.77
C CYS B 312 5.71 8.08 -27.41
N TYR B 313 6.66 8.81 -26.83
CA TYR B 313 7.19 10.01 -27.48
C TYR B 313 7.75 9.68 -28.87
N GLN B 314 8.58 8.65 -28.97
CA GLN B 314 9.11 8.26 -30.26
C GLN B 314 8.03 7.83 -31.25
N MET B 315 6.95 7.21 -30.77
CA MET B 315 5.84 6.87 -31.66
C MET B 315 5.28 8.09 -32.33
N ASN B 316 5.35 9.25 -31.66
CA ASN B 316 4.99 10.52 -32.28
C ASN B 316 6.15 11.08 -33.11
N ARG B 317 7.31 11.24 -32.51
CA ARG B 317 8.31 12.03 -33.20
C ARG B 317 8.95 11.28 -34.37
N GLN B 318 8.86 9.95 -34.43
CA GLN B 318 9.40 9.24 -35.59
C GLN B 318 8.50 9.32 -36.81
N MET B 319 7.29 9.87 -36.68
CA MET B 319 6.44 10.09 -37.84
C MET B 319 6.81 11.41 -38.51
N GLU B 320 6.54 11.50 -39.81
N GLU B 320 6.56 11.50 -39.82
CA GLU B 320 6.94 12.70 -40.54
CA GLU B 320 6.92 12.72 -40.54
C GLU B 320 6.19 13.94 -40.08
C GLU B 320 6.23 13.93 -39.95
N THR B 321 4.94 13.79 -39.60
CA THR B 321 4.20 14.91 -39.01
C THR B 321 4.44 15.08 -37.51
N GLY B 322 5.15 14.15 -36.86
CA GLY B 322 5.34 14.20 -35.42
C GLY B 322 4.13 13.76 -34.62
N LEU B 323 3.16 13.10 -35.24
CA LEU B 323 1.96 12.65 -34.57
C LEU B 323 1.87 11.14 -34.70
N SER B 324 1.66 10.47 -33.58
CA SER B 324 1.56 9.02 -33.59
C SER B 324 0.38 8.54 -34.44
N PRO B 325 0.55 7.43 -35.18
CA PRO B 325 -0.59 6.80 -35.85
C PRO B 325 -1.44 6.04 -34.84
N GLU B 326 -2.57 5.50 -35.30
CA GLU B 326 -3.45 4.70 -34.43
C GLU B 326 -2.75 3.45 -33.89
N ILE B 327 -1.96 2.78 -34.73
CA ILE B 327 -1.34 1.51 -34.39
C ILE B 327 0.08 1.51 -34.93
N VAL B 328 1.03 1.05 -34.12
CA VAL B 328 2.41 0.90 -34.57
C VAL B 328 2.79 -0.56 -34.46
N HIS B 329 3.83 -0.93 -35.21
CA HIS B 329 4.52 -2.19 -35.08
C HIS B 329 5.99 -1.92 -34.83
N PHE B 330 6.58 -2.73 -33.96
CA PHE B 330 8.00 -2.68 -33.68
C PHE B 330 8.69 -3.91 -34.26
N ASN B 331 9.96 -3.78 -34.58
CA ASN B 331 10.80 -4.90 -35.01
C ASN B 331 11.64 -5.41 -33.86
N LEU B 332 11.55 -6.73 -33.61
CA LEU B 332 12.40 -7.35 -32.60
C LEU B 332 13.81 -7.59 -33.09
N TYR B 333 14.03 -7.59 -34.41
CA TYR B 333 15.34 -7.84 -34.95
C TYR B 333 15.70 -6.77 -35.97
N PRO B 334 16.99 -6.54 -36.18
CA PRO B 334 17.37 -5.37 -37.00
C PRO B 334 16.90 -5.52 -38.43
N GLN B 335 16.41 -4.40 -38.96
CA GLN B 335 15.87 -4.33 -40.31
C GLN B 335 16.58 -3.18 -41.00
N PRO B 336 17.42 -3.43 -42.00
CA PRO B 336 18.14 -2.31 -42.63
C PRO B 336 17.22 -1.19 -43.09
N GLY B 337 17.59 0.04 -42.74
CA GLY B 337 16.86 1.21 -43.25
C GLY B 337 15.57 1.54 -42.54
N ARG B 338 15.19 0.79 -41.51
CA ARG B 338 13.90 0.96 -40.86
C ARG B 338 14.03 1.70 -39.54
N ARG B 339 13.05 2.54 -39.26
CA ARG B 339 12.98 3.17 -37.96
C ARG B 339 12.48 2.17 -36.93
N ASP B 340 12.46 2.58 -35.67
CA ASP B 340 11.86 1.75 -34.63
C ASP B 340 10.37 1.56 -34.89
N VAL B 341 9.67 2.67 -35.18
CA VAL B 341 8.21 2.72 -35.21
C VAL B 341 7.77 2.50 -36.65
N GLU B 342 7.28 1.30 -36.95
CA GLU B 342 6.68 1.02 -38.26
C GLU B 342 5.16 1.23 -38.20
N VAL B 343 4.58 1.65 -39.31
N VAL B 343 4.59 1.56 -39.35
CA VAL B 343 3.13 1.82 -39.38
CA VAL B 343 3.16 1.82 -39.46
C VAL B 343 2.63 1.22 -40.69
C VAL B 343 2.66 1.16 -40.73
N LYS B 344 1.63 0.33 -40.59
CA LYS B 344 1.01 -0.24 -41.75
C LYS B 344 0.21 0.85 -42.45
N PRO B 345 0.14 0.82 -43.78
CA PRO B 345 -0.62 1.86 -44.49
C PRO B 345 -2.02 2.08 -43.95
N ALA B 346 -2.74 1.04 -43.56
CA ALA B 346 -4.11 1.22 -43.08
C ALA B 346 -4.19 1.93 -41.73
N ASP B 347 -3.11 1.94 -40.97
CA ASP B 347 -3.08 2.39 -39.60
C ASP B 347 -2.56 3.81 -39.44
N ARG B 348 -2.34 4.52 -40.54
CA ARG B 348 -1.64 5.80 -40.49
C ARG B 348 -2.49 6.97 -40.00
N HIS B 349 -3.74 6.77 -39.58
CA HIS B 349 -4.58 7.87 -39.12
C HIS B 349 -4.12 8.39 -37.76
N ASN B 350 -4.37 9.67 -37.50
CA ASN B 350 -4.30 10.24 -36.17
C ASN B 350 -5.64 10.92 -35.88
N LEU B 351 -6.28 10.55 -34.78
CA LEU B 351 -7.59 11.06 -34.43
C LEU B 351 -7.55 12.08 -33.29
N LEU B 352 -6.40 12.74 -33.10
CA LEU B 352 -6.19 13.73 -32.05
C LEU B 352 -6.27 13.11 -30.66
N ARG B 353 -5.82 11.85 -30.56
CA ARG B 353 -5.96 11.09 -29.32
C ARG B 353 -5.02 11.61 -28.23
N PRO B 354 -5.42 11.44 -26.95
CA PRO B 354 -4.74 12.09 -25.84
C PRO B 354 -3.66 11.27 -25.14
N GLU B 355 -3.48 9.98 -25.43
CA GLU B 355 -2.80 9.11 -24.46
C GLU B 355 -1.34 9.51 -24.26
N THR B 356 -0.64 9.99 -25.29
CA THR B 356 0.73 10.41 -25.02
C THR B 356 0.76 11.63 -24.11
N VAL B 357 -0.07 12.63 -24.39
CA VAL B 357 0.04 13.84 -23.59
C VAL B 357 -0.54 13.62 -22.20
N GLU B 358 -1.53 12.72 -22.08
CA GLU B 358 -1.99 12.23 -20.79
C GLU B 358 -0.85 11.71 -19.94
N SER B 359 -0.05 10.81 -20.51
CA SER B 359 1.06 10.24 -19.76
C SER B 359 2.19 11.25 -19.54
N LEU B 360 2.42 12.18 -20.48
CA LEU B 360 3.39 13.24 -20.22
C LEU B 360 3.01 14.06 -18.98
N PHE B 361 1.70 14.37 -18.84
CA PHE B 361 1.21 15.09 -17.65
C PHE B 361 1.58 14.37 -16.35
N TYR B 362 1.27 13.08 -16.24
CA TYR B 362 1.63 12.35 -15.02
C TYR B 362 3.14 12.27 -14.84
N LEU B 363 3.88 11.90 -15.88
CA LEU B 363 5.34 11.83 -15.74
C LEU B 363 5.95 13.16 -15.26
N TYR B 364 5.45 14.29 -15.76
CA TYR B 364 5.92 15.58 -15.28
C TYR B 364 5.49 15.82 -13.83
N ARG B 365 4.23 15.57 -13.51
CA ARG B 365 3.74 15.80 -12.15
C ARG B 365 4.57 15.04 -11.15
N VAL B 366 4.89 13.79 -11.46
CA VAL B 366 5.57 12.94 -10.49
C VAL B 366 7.07 13.16 -10.53
N THR B 367 7.66 13.40 -11.69
CA THR B 367 9.12 13.50 -11.72
C THR B 367 9.64 14.92 -11.68
N GLY B 368 8.85 15.90 -12.12
CA GLY B 368 9.35 17.25 -12.28
C GLY B 368 10.33 17.46 -13.44
N ASP B 369 10.52 16.48 -14.32
CA ASP B 369 11.50 16.60 -15.39
C ASP B 369 10.90 17.41 -16.54
N ARG B 370 11.43 18.61 -16.77
CA ARG B 370 10.82 19.49 -17.75
C ARG B 370 10.93 18.96 -19.17
N LYS B 371 11.75 17.94 -19.46
CA LYS B 371 11.71 17.43 -20.82
C LYS B 371 10.30 16.95 -21.19
N TYR B 372 9.52 16.45 -20.22
CA TYR B 372 8.18 15.98 -20.57
C TYR B 372 7.29 17.12 -21.02
N GLN B 373 7.51 18.33 -20.48
CA GLN B 373 6.80 19.50 -20.98
C GLN B 373 7.22 19.82 -22.39
N ASP B 374 8.53 19.79 -22.65
CA ASP B 374 9.04 20.06 -23.99
C ASP B 374 8.45 19.10 -25.02
N TRP B 375 8.38 17.81 -24.68
CA TRP B 375 7.82 16.82 -25.60
C TRP B 375 6.35 17.12 -25.90
N GLY B 376 5.61 17.53 -24.87
CA GLY B 376 4.21 17.85 -25.09
C GLY B 376 4.03 19.06 -25.96
N TRP B 377 4.90 20.08 -25.80
CA TRP B 377 4.85 21.26 -26.65
C TRP B 377 5.15 20.90 -28.09
N GLU B 378 6.13 20.03 -28.30
CA GLU B 378 6.46 19.53 -29.63
C GLU B 378 5.23 18.89 -30.29
N ILE B 379 4.52 18.03 -29.55
CA ILE B 379 3.33 17.39 -30.10
C ILE B 379 2.24 18.44 -30.38
N LEU B 380 2.05 19.40 -29.48
CA LEU B 380 1.01 20.40 -29.72
C LEU B 380 1.32 21.21 -30.97
N GLN B 381 2.58 21.57 -31.19
N GLN B 381 2.57 21.62 -31.14
CA GLN B 381 2.94 22.31 -32.39
CA GLN B 381 2.96 22.29 -32.38
C GLN B 381 2.77 21.48 -33.64
C GLN B 381 2.57 21.45 -33.59
N SER B 382 2.83 20.16 -33.54
CA SER B 382 2.49 19.30 -34.67
C SER B 382 0.99 19.27 -34.93
N PHE B 383 0.19 19.18 -33.87
CA PHE B 383 -1.25 19.34 -34.05
C PHE B 383 -1.57 20.65 -34.76
N SER B 384 -0.96 21.73 -34.33
CA SER B 384 -1.27 23.03 -34.93
C SER B 384 -0.87 23.10 -36.38
N ARG B 385 0.28 22.52 -36.73
N ARG B 385 0.25 22.45 -36.72
CA ARG B 385 0.74 22.62 -38.11
CA ARG B 385 0.87 22.54 -38.03
C ARG B 385 -0.10 21.78 -39.05
C ARG B 385 0.19 21.65 -39.07
N PHE B 386 -0.45 20.55 -38.65
CA PHE B 386 -0.99 19.57 -39.61
C PHE B 386 -2.48 19.27 -39.48
N THR B 387 -3.16 19.73 -38.43
CA THR B 387 -4.56 19.39 -38.25
C THR B 387 -5.46 20.60 -38.13
N ARG B 388 -4.90 21.81 -38.12
CA ARG B 388 -5.72 23.01 -37.95
C ARG B 388 -6.56 23.26 -39.19
N VAL B 389 -7.83 23.62 -38.98
CA VAL B 389 -8.71 24.01 -40.07
C VAL B 389 -8.90 25.53 -39.99
N PRO B 390 -8.59 26.28 -41.04
CA PRO B 390 -8.61 27.75 -40.91
C PRO B 390 -9.92 28.34 -40.41
N SER B 391 -11.07 27.84 -40.85
CA SER B 391 -12.34 28.41 -40.42
C SER B 391 -12.68 28.11 -38.98
N GLY B 392 -11.93 27.22 -38.33
CA GLY B 392 -12.20 26.84 -36.97
C GLY B 392 -12.14 25.33 -36.84
N GLY B 393 -11.71 24.87 -35.67
CA GLY B 393 -11.58 23.44 -35.42
C GLY B 393 -10.25 22.87 -35.85
N TYR B 394 -10.04 21.61 -35.43
CA TYR B 394 -8.91 20.77 -35.81
C TYR B 394 -9.51 19.45 -36.25
N SER B 395 -8.86 18.75 -37.17
CA SER B 395 -9.42 17.52 -37.72
C SER B 395 -8.48 16.34 -37.53
N SER B 396 -9.07 15.18 -37.26
CA SER B 396 -8.36 13.93 -37.49
C SER B 396 -7.75 13.93 -38.89
N ILE B 397 -6.63 13.25 -39.05
CA ILE B 397 -5.99 13.14 -40.36
C ILE B 397 -5.76 11.69 -40.74
N ASN B 398 -5.70 11.45 -42.05
CA ASN B 398 -5.56 10.08 -42.55
C ASN B 398 -4.11 9.65 -42.72
N ASN B 399 -3.14 10.57 -42.75
CA ASN B 399 -1.76 10.15 -43.05
C ASN B 399 -0.72 10.93 -42.25
N VAL B 400 -0.34 10.39 -41.08
CA VAL B 400 0.68 11.02 -40.25
C VAL B 400 2.06 10.99 -40.90
N GLN B 401 2.21 10.30 -42.03
N GLN B 401 2.21 10.30 -42.02
CA GLN B 401 3.50 10.17 -42.69
CA GLN B 401 3.50 10.20 -42.68
C GLN B 401 3.71 11.19 -43.81
C GLN B 401 3.54 10.98 -44.00
N ASP B 402 2.72 12.01 -44.12
CA ASP B 402 2.76 12.90 -45.29
C ASP B 402 2.53 14.32 -44.82
N PRO B 403 3.61 15.07 -44.55
CA PRO B 403 3.42 16.44 -44.04
C PRO B 403 2.78 17.40 -45.04
N GLN B 404 2.89 17.10 -46.33
CA GLN B 404 2.27 17.94 -47.35
C GLN B 404 0.80 17.59 -47.57
N LYS B 405 0.42 16.32 -47.41
CA LYS B 405 -0.96 15.87 -47.63
C LYS B 405 -1.39 14.98 -46.47
N PRO B 406 -1.55 15.55 -45.27
CA PRO B 406 -2.00 14.71 -44.13
C PRO B 406 -3.42 14.19 -44.27
N GLU B 407 -4.24 14.79 -45.13
CA GLU B 407 -5.53 14.28 -45.55
C GLU B 407 -6.56 14.26 -44.41
N PRO B 408 -7.09 15.42 -44.05
CA PRO B 408 -8.07 15.47 -42.96
C PRO B 408 -9.28 14.61 -43.25
N ARG B 409 -9.78 13.98 -42.19
CA ARG B 409 -10.98 13.15 -42.24
C ARG B 409 -12.26 13.93 -41.94
N ASP B 410 -12.15 15.22 -41.62
CA ASP B 410 -13.31 16.09 -41.37
C ASP B 410 -14.07 15.69 -40.11
N LYS B 411 -13.34 15.60 -39.01
CA LYS B 411 -13.95 15.23 -37.73
C LYS B 411 -13.07 15.72 -36.61
N MET B 412 -13.68 16.33 -35.60
CA MET B 412 -12.98 16.71 -34.38
C MET B 412 -13.60 15.87 -33.26
N GLU B 413 -12.89 14.84 -32.82
CA GLU B 413 -13.43 14.00 -31.77
C GLU B 413 -13.56 14.78 -30.46
N SER B 414 -14.58 14.42 -29.65
CA SER B 414 -14.84 15.17 -28.41
C SER B 414 -13.65 15.11 -27.47
N PHE B 415 -12.87 14.03 -27.49
CA PHE B 415 -11.74 13.92 -26.58
C PHE B 415 -10.57 14.83 -26.94
N PHE B 416 -10.54 15.49 -28.10
CA PHE B 416 -9.50 16.52 -28.30
C PHE B 416 -9.64 17.67 -27.31
N LEU B 417 -10.87 18.19 -27.12
CA LEU B 417 -11.10 19.24 -26.15
C LEU B 417 -11.34 18.69 -24.75
N GLY B 418 -11.90 17.49 -24.64
CA GLY B 418 -12.12 16.89 -23.33
C GLY B 418 -10.84 16.42 -22.68
N GLU B 419 -9.89 15.95 -23.48
CA GLU B 419 -8.69 15.31 -22.95
C GLU B 419 -7.41 15.97 -23.44
N THR B 420 -7.17 15.99 -24.75
CA THR B 420 -5.85 16.32 -25.26
C THR B 420 -5.43 17.71 -24.81
N LEU B 421 -6.33 18.69 -24.94
CA LEU B 421 -5.91 20.03 -24.56
C LEU B 421 -5.94 20.21 -23.05
N LYS B 422 -6.79 19.47 -22.34
CA LYS B 422 -6.81 19.56 -20.88
C LYS B 422 -5.47 19.07 -20.31
N TYR B 423 -5.04 17.89 -20.73
CA TYR B 423 -3.78 17.37 -20.21
C TYR B 423 -2.63 18.27 -20.58
N LEU B 424 -2.66 18.86 -21.77
CA LEU B 424 -1.57 19.74 -22.16
C LEU B 424 -1.56 20.99 -21.28
N PHE B 425 -2.73 21.59 -21.03
CA PHE B 425 -2.79 22.74 -20.13
C PHE B 425 -2.22 22.41 -18.76
N LEU B 426 -2.58 21.24 -18.21
CA LEU B 426 -2.11 20.84 -16.89
C LEU B 426 -0.61 20.52 -16.91
N LEU B 427 -0.14 19.90 -17.99
CA LEU B 427 1.28 19.59 -18.12
C LEU B 427 2.14 20.84 -18.03
N PHE B 428 1.67 21.95 -18.61
CA PHE B 428 2.41 23.20 -18.68
C PHE B 428 2.24 24.06 -17.42
N SER B 429 1.34 23.67 -16.53
CA SER B 429 1.06 24.49 -15.36
C SER B 429 2.23 24.50 -14.39
N ASP B 430 2.51 25.70 -13.89
CA ASP B 430 3.49 25.91 -12.83
C ASP B 430 2.95 25.54 -11.45
N ASP B 431 1.73 25.05 -11.35
CA ASP B 431 1.06 24.87 -10.05
C ASP B 431 0.68 23.42 -9.76
N PRO B 432 1.39 22.71 -8.87
CA PRO B 432 0.98 21.33 -8.55
C PRO B 432 -0.30 21.27 -7.72
N ASN B 433 -0.70 22.39 -7.12
CA ASN B 433 -1.99 22.57 -6.46
C ASN B 433 -3.19 22.64 -7.42
N LEU B 434 -2.96 22.67 -8.73
CA LEU B 434 -4.05 22.66 -9.70
C LEU B 434 -4.42 21.20 -10.01
N LEU B 435 -5.65 20.82 -9.70
CA LEU B 435 -6.10 19.43 -9.79
C LEU B 435 -5.04 18.49 -9.23
N SER B 436 -4.76 18.67 -7.97
CA SER B 436 -3.72 17.89 -7.29
C SER B 436 -3.99 16.39 -7.37
N LEU B 437 -2.92 15.62 -7.58
CA LEU B 437 -3.05 14.17 -7.54
C LEU B 437 -3.47 13.66 -6.15
N ASP B 438 -3.37 14.49 -5.12
CA ASP B 438 -3.84 14.12 -3.78
C ASP B 438 -5.34 14.25 -3.62
N ALA B 439 -5.99 14.97 -4.51
CA ALA B 439 -7.38 15.40 -4.34
C ALA B 439 -8.32 14.90 -5.42
N TYR B 440 -7.82 14.64 -6.63
CA TYR B 440 -8.65 14.19 -7.71
C TYR B 440 -8.03 12.97 -8.38
N VAL B 441 -8.89 12.14 -8.96
CA VAL B 441 -8.47 11.13 -9.92
C VAL B 441 -9.21 11.42 -11.22
N PHE B 442 -8.48 11.37 -12.33
CA PHE B 442 -9.11 11.57 -13.64
C PHE B 442 -9.74 10.27 -14.13
N ASN B 443 -10.94 10.38 -14.71
CA ASN B 443 -11.58 9.19 -15.27
C ASN B 443 -10.98 8.93 -16.66
N ALA B 444 -11.55 7.97 -17.39
CA ALA B 444 -10.99 7.54 -18.68
C ALA B 444 -11.02 8.60 -19.75
N GLU B 445 -11.78 9.68 -19.55
CA GLU B 445 -11.93 10.79 -20.49
C GLU B 445 -11.52 12.10 -19.82
N ALA B 446 -10.55 12.04 -18.91
CA ALA B 446 -9.92 13.21 -18.31
C ALA B 446 -10.90 14.06 -17.51
N HIS B 447 -11.93 13.44 -16.91
CA HIS B 447 -12.88 14.17 -16.08
C HIS B 447 -12.54 13.96 -14.61
N PRO B 448 -12.06 14.99 -13.91
CA PRO B 448 -11.58 14.80 -12.54
C PRO B 448 -12.72 14.59 -11.57
N LEU B 449 -12.55 13.61 -10.69
CA LEU B 449 -13.49 13.20 -9.69
C LEU B 449 -12.79 13.19 -8.34
N PRO B 450 -13.48 13.54 -7.26
CA PRO B 450 -12.75 13.73 -5.98
C PRO B 450 -12.27 12.41 -5.37
N ILE B 451 -11.08 12.45 -4.78
CA ILE B 451 -10.68 11.32 -3.94
C ILE B 451 -11.45 11.38 -2.63
N TRP B 452 -11.92 10.22 -2.17
CA TRP B 452 -12.69 10.10 -0.94
C TRP B 452 -11.75 10.06 0.26
N THR B 453 -11.32 11.23 0.69
CA THR B 453 -10.24 11.25 1.66
C THR B 453 -10.67 10.50 2.93
N PRO B 454 -9.86 9.50 3.39
CA PRO B 454 -10.42 8.35 4.14
C PRO B 454 -10.78 8.58 5.59
N ALA B 455 -11.14 7.46 6.24
CA ALA B 455 -11.59 7.40 7.64
C ALA B 455 -10.51 7.85 8.64
#